data_6QP9
#
_entry.id   6QP9
#
_cell.length_a   99.476
_cell.length_b   99.476
_cell.length_c   150.131
_cell.angle_alpha   90.00
_cell.angle_beta   90.00
_cell.angle_gamma   120.00
#
_symmetry.space_group_name_H-M   'P 32'
#
loop_
_entity.id
_entity.type
_entity.pdbx_description
1 polymer Semaphorin-1A
2 branched 2-acetamido-2-deoxy-beta-D-glucopyranose-(1-4)-2-acetamido-2-deoxy-beta-D-glucopyranose
3 non-polymer 2-acetamido-2-deoxy-beta-D-glucopyranose
#
_entity_poly.entity_id   1
_entity_poly.type   'polypeptide(L)'
_entity_poly.pdbx_seq_one_letter_code
;ETGYGPEDVLKFVGNESVVDHFKLVTKDGNSLLIGARNTVFNLSIHDLVEQQRLVWTSPEDDTKMCLVKGKDEEACQNYI
RIMVVPSPGRLFVCGTNSFRPMCNTYIISDSNYTLEATKNGQAVCPYDPRHNSTSVLADNELYSGTVADFSGSDPIIYRE
PLQTEQYDSLSLNAPNFVSSFTQGDFVYFFFRETAVEFINCGKAIYSRVARVCKWDKGGPHRFRNRWTSFLKSRLNCSIP
GDYPFYFNEIQSASNLVEGQYGSMSSKLIYGVFNTPSNSIPGSAVCAFALQDIADTFEGQFKEQTGINSNWLPVNNAKVP
DPRPGSCHNDSRALPDPTLNFIKTHSLMDENVPAFFSQPILVRTSTIYRFTQIAVDAQIKTPGGKTYDVIFVGTDHGKII
KSVNAESADSADKVTSVVIEEIDVLTKSEPIRNLEIVRTMQYDQPKDGSYDDGKLIIVTDSQVVAIQLHRCHNDKITSCS
ECVALQDPYCAWDKIAGKCRSHGAPRWLEENYFYQNVATGQHAACPSGTKHHHHHH
;
_entity_poly.pdbx_strand_id   A,B
#
# COMPACT_ATOMS: atom_id res chain seq x y z
N GLY A 5 -25.67 7.61 -18.92
CA GLY A 5 -25.90 7.01 -17.61
C GLY A 5 -27.36 7.06 -17.18
N PRO A 6 -27.61 7.53 -15.96
CA PRO A 6 -28.98 7.60 -15.45
C PRO A 6 -29.62 8.94 -15.72
N GLU A 7 -30.93 8.90 -15.98
CA GLU A 7 -31.68 10.12 -16.20
C GLU A 7 -31.74 10.94 -14.90
N ASP A 8 -31.55 12.25 -15.03
CA ASP A 8 -31.57 13.15 -13.89
C ASP A 8 -33.01 13.36 -13.45
N VAL A 9 -33.41 12.67 -12.37
CA VAL A 9 -34.76 12.86 -11.84
C VAL A 9 -34.92 14.27 -11.30
N LEU A 10 -34.03 14.68 -10.39
CA LEU A 10 -33.96 16.06 -9.92
C LEU A 10 -32.50 16.49 -9.92
N LYS A 11 -32.21 17.62 -10.57
CA LYS A 11 -30.90 18.22 -10.52
C LYS A 11 -31.05 19.63 -9.97
N PHE A 12 -30.04 20.09 -9.23
CA PHE A 12 -30.09 21.41 -8.60
C PHE A 12 -28.70 22.03 -8.67
N VAL A 13 -28.50 22.90 -9.66
CA VAL A 13 -27.27 23.67 -9.78
C VAL A 13 -27.52 25.04 -9.15
N GLY A 14 -27.37 25.11 -7.83
CA GLY A 14 -27.64 26.30 -7.07
C GLY A 14 -26.57 27.37 -7.17
N ASN A 15 -25.30 26.95 -7.13
CA ASN A 15 -24.20 27.89 -7.01
C ASN A 15 -23.04 27.45 -7.91
N GLU A 16 -22.29 28.45 -8.38
CA GLU A 16 -21.15 28.17 -9.23
C GLU A 16 -19.92 27.76 -8.42
N SER A 17 -19.62 28.50 -7.35
CA SER A 17 -18.40 28.30 -6.58
C SER A 17 -18.62 28.19 -5.08
N VAL A 18 -19.87 28.21 -4.61
CA VAL A 18 -20.14 28.22 -3.17
C VAL A 18 -19.80 26.88 -2.54
N VAL A 19 -19.80 25.80 -3.34
CA VAL A 19 -19.41 24.45 -2.93
C VAL A 19 -20.06 24.05 -1.61
N ASP A 20 -21.38 23.83 -1.65
CA ASP A 20 -22.11 23.40 -0.46
C ASP A 20 -21.55 22.08 0.07
N HIS A 21 -21.49 21.96 1.40
CA HIS A 21 -20.98 20.74 2.01
C HIS A 21 -21.87 20.26 3.15
N PHE A 22 -22.51 21.20 3.86
CA PHE A 22 -23.30 20.87 5.04
C PHE A 22 -24.78 20.79 4.67
N LYS A 23 -25.52 20.01 5.45
CA LYS A 23 -26.95 19.84 5.21
C LYS A 23 -27.62 19.31 6.47
N LEU A 24 -28.89 19.67 6.65
CA LEU A 24 -29.70 19.18 7.75
C LEU A 24 -31.07 18.79 7.24
N VAL A 25 -31.49 17.56 7.52
CA VAL A 25 -32.78 17.03 7.10
C VAL A 25 -33.66 16.86 8.34
N THR A 26 -34.78 17.57 8.36
CA THR A 26 -35.80 17.40 9.39
C THR A 26 -37.10 16.97 8.70
N LYS A 27 -37.51 15.73 8.94
CA LYS A 27 -38.66 15.18 8.24
C LYS A 27 -39.99 15.70 8.80
N ASP A 28 -40.04 16.00 10.11
CA ASP A 28 -41.26 16.56 10.68
C ASP A 28 -41.49 17.98 10.16
N GLY A 29 -40.45 18.81 10.16
CA GLY A 29 -40.54 20.11 9.54
C GLY A 29 -40.57 20.06 8.03
N ASN A 30 -40.10 18.97 7.44
CA ASN A 30 -40.11 18.75 6.00
C ASN A 30 -39.37 19.87 5.27
N SER A 31 -38.11 20.08 5.66
CA SER A 31 -37.28 21.09 5.04
C SER A 31 -35.82 20.67 5.15
N LEU A 32 -35.03 21.04 4.15
CA LEU A 32 -33.62 20.69 4.04
C LEU A 32 -32.78 21.96 4.12
N LEU A 33 -32.10 22.14 5.23
CA LEU A 33 -31.21 23.29 5.42
C LEU A 33 -29.81 22.86 4.98
N ILE A 34 -29.45 23.19 3.74
CA ILE A 34 -28.16 22.81 3.18
C ILE A 34 -27.14 23.91 3.47
N GLY A 35 -26.11 23.58 4.23
CA GLY A 35 -25.07 24.54 4.52
C GLY A 35 -24.20 24.81 3.30
N ALA A 36 -23.57 25.98 3.31
CA ALA A 36 -22.87 26.47 2.13
C ALA A 36 -21.89 27.55 2.54
N ARG A 37 -20.99 27.88 1.61
CA ARG A 37 -20.02 28.95 1.83
C ARG A 37 -20.66 30.30 1.50
N ASN A 38 -20.72 31.17 2.51
CA ASN A 38 -21.22 32.54 2.39
C ASN A 38 -22.71 32.60 2.08
N THR A 39 -23.43 31.48 2.19
CA THR A 39 -24.85 31.43 1.86
C THR A 39 -25.50 30.29 2.62
N VAL A 40 -26.83 30.35 2.69
CA VAL A 40 -27.64 29.30 3.32
C VAL A 40 -28.97 29.21 2.58
N PHE A 41 -29.42 27.97 2.34
CA PHE A 41 -30.65 27.70 1.60
C PHE A 41 -31.59 26.84 2.41
N ASN A 42 -32.89 27.11 2.28
CA ASN A 42 -33.95 26.31 2.88
C ASN A 42 -34.84 25.82 1.75
N LEU A 43 -34.80 24.52 1.47
CA LEU A 43 -35.54 23.93 0.37
C LEU A 43 -36.64 23.02 0.91
N SER A 44 -37.48 22.57 0.00
CA SER A 44 -38.47 21.54 0.28
C SER A 44 -37.94 20.19 -0.16
N ILE A 45 -38.13 19.18 0.69
CA ILE A 45 -37.62 17.85 0.38
C ILE A 45 -38.35 17.23 -0.80
N HIS A 46 -39.53 17.74 -1.15
CA HIS A 46 -40.32 17.13 -2.21
C HIS A 46 -39.75 17.46 -3.58
N ASP A 47 -39.50 18.74 -3.86
CA ASP A 47 -39.11 19.16 -5.20
C ASP A 47 -37.91 20.12 -5.22
N LEU A 48 -37.19 20.26 -4.11
CA LEU A 48 -36.00 21.10 -4.03
C LEU A 48 -36.31 22.54 -4.43
N VAL A 49 -37.31 23.13 -3.77
CA VAL A 49 -37.72 24.50 -3.99
C VAL A 49 -37.32 25.32 -2.77
N GLU A 50 -36.50 26.34 -2.97
CA GLU A 50 -35.98 27.13 -1.86
C GLU A 50 -37.10 27.95 -1.23
N GLN A 51 -37.29 27.79 0.08
CA GLN A 51 -38.30 28.56 0.79
C GLN A 51 -37.80 29.94 1.16
N GLN A 52 -36.64 30.00 1.82
CA GLN A 52 -35.98 31.25 2.17
C GLN A 52 -34.48 31.07 2.03
N ARG A 53 -33.77 32.20 1.93
CA ARG A 53 -32.33 32.19 1.76
C ARG A 53 -31.70 33.18 2.73
N LEU A 54 -30.75 32.70 3.52
CA LEU A 54 -29.96 33.55 4.41
C LEU A 54 -28.58 33.72 3.80
N VAL A 55 -28.26 34.96 3.40
CA VAL A 55 -26.97 35.29 2.83
C VAL A 55 -26.24 36.16 3.82
N TRP A 56 -25.05 35.73 4.23
CA TRP A 56 -24.28 36.41 5.27
C TRP A 56 -22.97 36.88 4.64
N THR A 57 -22.89 38.19 4.39
CA THR A 57 -21.71 38.78 3.76
C THR A 57 -20.72 39.16 4.85
N SER A 58 -19.60 38.45 4.91
CA SER A 58 -18.51 38.70 5.85
C SER A 58 -18.19 40.19 5.92
N PRO A 59 -18.07 40.76 7.12
CA PRO A 59 -17.85 42.20 7.23
C PRO A 59 -16.58 42.64 6.54
N GLU A 60 -16.51 43.94 6.23
CA GLU A 60 -15.37 44.47 5.52
C GLU A 60 -14.09 44.39 6.35
N ASP A 61 -14.19 44.66 7.65
CA ASP A 61 -13.02 44.57 8.51
C ASP A 61 -12.50 43.14 8.62
N ASP A 62 -13.39 42.14 8.54
CA ASP A 62 -12.96 40.75 8.63
C ASP A 62 -12.26 40.31 7.35
N THR A 63 -12.81 40.66 6.18
CA THR A 63 -12.20 40.25 4.92
C THR A 63 -10.90 41.00 4.66
N LYS A 64 -10.79 42.24 5.14
CA LYS A 64 -9.60 43.03 4.87
C LYS A 64 -8.39 42.51 5.64
N MET A 65 -8.62 41.83 6.77
CA MET A 65 -7.50 41.27 7.52
C MET A 65 -6.87 40.09 6.82
N CYS A 66 -7.63 39.38 5.98
CA CYS A 66 -7.13 38.20 5.28
C CYS A 66 -6.60 38.65 3.93
N LEU A 67 -5.27 38.74 3.81
CA LEU A 67 -4.62 39.12 2.56
C LEU A 67 -3.41 38.23 2.32
N VAL A 68 -3.65 36.91 2.29
CA VAL A 68 -2.62 35.94 1.94
C VAL A 68 -2.61 35.76 0.43
N LYS A 69 -1.48 36.08 -0.20
CA LYS A 69 -1.41 36.12 -1.66
C LYS A 69 -1.47 34.73 -2.30
N GLY A 70 -1.33 33.67 -1.53
CA GLY A 70 -1.30 32.32 -2.07
C GLY A 70 -2.60 31.84 -2.68
N LYS A 71 -3.63 31.65 -1.86
CA LYS A 71 -4.91 31.12 -2.33
C LYS A 71 -6.05 31.55 -1.42
N ASP A 72 -6.43 32.83 -1.49
CA ASP A 72 -7.49 33.38 -0.63
C ASP A 72 -8.59 34.11 -1.38
N GLU A 73 -8.34 34.63 -2.59
CA GLU A 73 -9.36 35.45 -3.26
C GLU A 73 -10.62 34.65 -3.54
N GLU A 74 -10.48 33.38 -3.93
CA GLU A 74 -11.64 32.53 -4.10
C GLU A 74 -12.16 32.01 -2.76
N ALA A 75 -11.28 31.89 -1.77
CA ALA A 75 -11.65 31.36 -0.46
C ALA A 75 -11.66 32.47 0.59
N CYS A 76 -11.22 32.12 1.79
CA CYS A 76 -11.16 33.03 2.94
C CYS A 76 -12.40 33.92 3.04
N GLN A 77 -13.55 33.25 3.14
CA GLN A 77 -14.81 33.96 3.32
C GLN A 77 -15.62 33.30 4.41
N ASN A 78 -16.94 33.39 4.34
CA ASN A 78 -17.82 32.84 5.37
C ASN A 78 -18.18 31.41 4.98
N TYR A 79 -17.59 30.44 5.67
CA TYR A 79 -17.87 29.01 5.43
C TYR A 79 -18.72 28.53 6.61
N ILE A 80 -20.03 28.56 6.42
CA ILE A 80 -20.96 28.09 7.45
C ILE A 80 -20.84 26.58 7.53
N ARG A 81 -20.28 26.07 8.62
CA ARG A 81 -19.94 24.66 8.79
C ARG A 81 -20.85 23.93 9.75
N ILE A 82 -21.24 24.55 10.86
CA ILE A 82 -22.02 23.89 11.89
C ILE A 82 -23.39 24.55 12.00
N MET A 83 -24.39 23.74 12.33
CA MET A 83 -25.76 24.21 12.52
C MET A 83 -26.60 23.15 13.23
N VAL A 84 -27.30 23.54 14.29
CA VAL A 84 -28.18 22.65 15.03
C VAL A 84 -29.46 23.42 15.37
N VAL A 85 -30.47 22.68 15.81
CA VAL A 85 -31.73 23.27 16.24
C VAL A 85 -31.78 23.22 17.77
N PRO A 86 -31.55 24.33 18.45
CA PRO A 86 -31.59 24.32 19.91
C PRO A 86 -32.98 24.03 20.44
N SER A 87 -33.04 23.78 21.75
CA SER A 87 -34.32 23.47 22.40
C SER A 87 -35.32 24.62 22.35
N PRO A 88 -34.94 25.90 22.47
CA PRO A 88 -35.94 26.96 22.33
C PRO A 88 -36.51 27.10 20.93
N GLY A 89 -35.97 26.38 19.94
CA GLY A 89 -36.40 26.53 18.57
C GLY A 89 -35.64 27.56 17.78
N ARG A 90 -34.57 28.13 18.34
CA ARG A 90 -33.78 29.15 17.67
C ARG A 90 -33.06 28.56 16.46
N LEU A 91 -32.43 29.46 15.69
CA LEU A 91 -31.57 29.08 14.57
C LEU A 91 -30.12 29.36 14.96
N PHE A 92 -29.27 28.35 14.76
CA PHE A 92 -27.88 28.40 15.24
C PHE A 92 -26.93 28.03 14.09
N VAL A 93 -26.48 29.04 13.36
CA VAL A 93 -25.52 28.85 12.28
C VAL A 93 -24.23 29.59 12.62
N CYS A 94 -23.09 28.98 12.29
CA CYS A 94 -21.78 29.57 12.53
C CYS A 94 -20.92 29.39 11.29
N GLY A 95 -20.30 30.48 10.84
CA GLY A 95 -19.41 30.43 9.70
C GLY A 95 -17.98 30.79 10.03
N THR A 96 -17.05 30.44 9.13
CA THR A 96 -15.64 30.79 9.35
C THR A 96 -15.44 32.29 9.25
N ASN A 97 -16.17 32.96 8.34
CA ASN A 97 -16.17 34.42 8.21
C ASN A 97 -14.76 34.96 8.01
N SER A 98 -14.07 34.42 7.01
CA SER A 98 -12.71 34.83 6.65
C SER A 98 -11.77 34.69 7.85
N PHE A 99 -11.66 33.45 8.34
CA PHE A 99 -10.79 33.12 9.46
C PHE A 99 -11.15 33.89 10.74
N ARG A 100 -12.39 34.33 10.85
CA ARG A 100 -12.88 34.99 12.06
C ARG A 100 -14.17 34.30 12.49
N PRO A 101 -14.07 33.07 13.01
CA PRO A 101 -15.29 32.32 13.33
C PRO A 101 -16.01 32.83 14.57
N MET A 102 -17.18 33.44 14.38
CA MET A 102 -18.01 33.91 15.49
C MET A 102 -19.43 33.40 15.26
N CYS A 103 -19.96 32.65 16.22
CA CYS A 103 -21.31 32.11 16.07
C CYS A 103 -22.35 33.21 16.20
N ASN A 104 -23.33 33.20 15.30
CA ASN A 104 -24.43 34.15 15.31
C ASN A 104 -25.73 33.36 15.38
N THR A 105 -26.47 33.52 16.46
CA THR A 105 -27.71 32.80 16.65
C THR A 105 -28.89 33.57 16.06
N TYR A 106 -29.75 32.85 15.35
CA TYR A 106 -30.97 33.42 14.80
C TYR A 106 -32.21 32.76 15.40
N ASN A 112 -34.93 33.04 9.63
CA ASN A 112 -35.22 34.43 9.96
C ASN A 112 -33.94 35.22 10.21
N TYR A 113 -33.98 36.52 9.92
CA TYR A 113 -32.84 37.41 10.14
C TYR A 113 -32.80 37.98 11.55
N THR A 114 -33.54 37.40 12.47
CA THR A 114 -33.61 37.88 13.86
C THR A 114 -32.33 37.47 14.57
N LEU A 115 -31.43 38.42 14.78
CA LEU A 115 -30.16 38.16 15.46
C LEU A 115 -30.43 38.19 16.96
N GLU A 116 -30.63 37.01 17.55
CA GLU A 116 -30.91 36.92 18.97
C GLU A 116 -29.66 37.19 19.79
N ALA A 117 -28.56 36.50 19.48
CA ALA A 117 -27.30 36.68 20.19
C ALA A 117 -26.17 36.22 19.30
N THR A 118 -24.97 36.73 19.57
CA THR A 118 -23.77 36.33 18.86
C THR A 118 -22.67 36.05 19.87
N LYS A 119 -22.03 34.88 19.74
CA LYS A 119 -20.97 34.46 20.63
C LYS A 119 -19.77 34.00 19.82
N ASN A 120 -18.60 34.09 20.44
CA ASN A 120 -17.36 33.72 19.75
C ASN A 120 -17.41 32.26 19.31
N GLY A 121 -17.02 32.02 18.07
CA GLY A 121 -17.07 30.67 17.53
C GLY A 121 -15.73 29.97 17.60
N GLN A 122 -14.90 30.34 18.56
CA GLN A 122 -13.63 29.67 18.75
C GLN A 122 -13.86 28.23 19.20
N ALA A 123 -13.08 27.32 18.62
CA ALA A 123 -13.06 25.89 18.94
C ALA A 123 -14.36 25.18 18.58
N VAL A 124 -15.27 25.84 17.86
CA VAL A 124 -16.44 25.18 17.30
C VAL A 124 -16.56 25.37 15.81
N CYS A 125 -15.85 26.33 15.22
CA CYS A 125 -15.82 26.52 13.78
C CYS A 125 -14.36 26.63 13.36
N PRO A 126 -13.93 25.89 12.33
CA PRO A 126 -12.52 25.92 11.95
C PRO A 126 -12.14 27.25 11.30
N TYR A 127 -10.86 27.60 11.48
CA TYR A 127 -10.34 28.78 10.78
C TYR A 127 -10.12 28.48 9.30
N ASP A 128 -9.58 27.30 8.99
CA ASP A 128 -9.40 26.88 7.61
C ASP A 128 -10.72 26.36 7.05
N PRO A 129 -10.92 26.46 5.73
CA PRO A 129 -12.11 25.85 5.11
C PRO A 129 -11.97 24.36 4.82
N ARG A 130 -10.88 23.73 5.25
CA ARG A 130 -10.70 22.30 5.02
C ARG A 130 -11.69 21.49 5.86
N HIS A 131 -12.07 20.33 5.33
CA HIS A 131 -13.03 19.44 5.98
C HIS A 131 -12.30 18.67 7.07
N ASN A 132 -12.23 19.26 8.27
CA ASN A 132 -11.55 18.64 9.40
C ASN A 132 -12.34 18.78 10.69
N SER A 133 -13.62 19.13 10.62
CA SER A 133 -14.43 19.34 11.81
C SER A 133 -15.81 18.71 11.63
N THR A 134 -16.42 18.34 12.74
CA THR A 134 -17.79 17.83 12.77
C THR A 134 -18.43 18.28 14.06
N SER A 135 -19.76 18.21 14.09
CA SER A 135 -20.51 18.68 15.25
C SER A 135 -21.74 17.80 15.47
N VAL A 136 -22.20 17.79 16.72
CA VAL A 136 -23.41 17.07 17.10
C VAL A 136 -23.98 17.74 18.33
N LEU A 137 -25.32 17.76 18.42
CA LEU A 137 -26.02 18.46 19.48
C LEU A 137 -26.46 17.49 20.58
N ALA A 138 -26.69 18.05 21.77
CA ALA A 138 -27.27 17.30 22.88
C ALA A 138 -28.49 18.05 23.40
N ASP A 139 -29.04 17.62 24.53
CA ASP A 139 -30.26 18.25 25.04
C ASP A 139 -29.99 19.67 25.53
N ASN A 140 -28.82 19.90 26.12
CA ASN A 140 -28.49 21.19 26.70
C ASN A 140 -27.20 21.81 26.17
N GLU A 141 -26.28 21.02 25.63
CA GLU A 141 -24.99 21.53 25.17
C GLU A 141 -24.71 21.01 23.77
N LEU A 142 -23.76 21.66 23.10
CA LEU A 142 -23.33 21.28 21.76
C LEU A 142 -21.92 20.70 21.83
N TYR A 143 -21.69 19.65 21.03
CA TYR A 143 -20.39 19.00 20.95
C TYR A 143 -19.78 19.31 19.59
N SER A 144 -18.59 19.92 19.60
CA SER A 144 -17.89 20.26 18.38
C SER A 144 -16.39 20.06 18.59
N GLY A 145 -15.74 19.48 17.58
CA GLY A 145 -14.31 19.27 17.62
C GLY A 145 -13.58 19.87 16.44
N THR A 146 -12.76 20.90 16.68
CA THR A 146 -12.07 21.60 15.60
C THR A 146 -10.89 22.34 16.20
N VAL A 147 -10.15 23.03 15.33
CA VAL A 147 -8.96 23.73 15.80
C VAL A 147 -9.38 24.98 16.56
N ALA A 148 -8.40 25.53 17.28
CA ALA A 148 -8.64 26.71 18.11
C ALA A 148 -7.89 27.95 17.65
N ASP A 149 -6.64 27.81 17.21
CA ASP A 149 -5.85 28.98 16.83
C ASP A 149 -6.02 29.27 15.34
N PHE A 150 -5.38 30.36 14.89
CA PHE A 150 -5.48 30.75 13.49
C PHE A 150 -4.86 29.70 12.57
N SER A 151 -3.63 29.29 12.88
CA SER A 151 -2.96 28.28 12.06
C SER A 151 -3.64 26.93 12.16
N GLY A 152 -4.24 26.61 13.31
CA GLY A 152 -4.88 25.34 13.52
C GLY A 152 -4.03 24.30 14.23
N SER A 153 -3.00 24.71 14.97
CA SER A 153 -2.10 23.76 15.61
C SER A 153 -2.70 23.14 16.87
N ASP A 154 -3.72 23.76 17.46
CA ASP A 154 -4.34 23.27 18.68
C ASP A 154 -5.78 22.86 18.39
N PRO A 155 -6.01 21.60 17.99
CA PRO A 155 -7.40 21.16 17.77
C PRO A 155 -7.98 20.48 19.00
N ILE A 156 -9.09 21.01 19.51
CA ILE A 156 -9.68 20.55 20.75
C ILE A 156 -11.16 20.28 20.54
N ILE A 157 -11.79 19.66 21.53
CA ILE A 157 -13.22 19.42 21.57
C ILE A 157 -13.85 20.46 22.50
N TYR A 158 -14.80 21.23 21.99
CA TYR A 158 -15.36 22.35 22.74
C TYR A 158 -16.83 22.05 23.07
N ARG A 159 -17.05 21.62 24.31
CA ARG A 159 -18.36 21.68 24.94
C ARG A 159 -18.31 22.76 26.00
N GLU A 160 -19.32 23.64 26.00
CA GLU A 160 -19.26 24.84 26.81
C GLU A 160 -19.07 24.49 28.30
N PRO A 161 -18.00 24.97 28.95
CA PRO A 161 -16.89 25.69 28.32
C PRO A 161 -15.58 24.91 28.42
N LEU A 162 -15.66 23.59 28.34
CA LEU A 162 -14.52 22.73 28.65
C LEU A 162 -13.55 22.65 27.47
N GLN A 163 -12.26 22.48 27.80
CA GLN A 163 -11.19 22.35 26.83
C GLN A 163 -10.20 21.30 27.30
N THR A 164 -9.57 20.63 26.34
CA THR A 164 -8.54 19.64 26.68
C THR A 164 -7.21 20.34 26.95
N GLU A 165 -6.19 19.53 27.24
CA GLU A 165 -4.85 20.07 27.51
C GLU A 165 -4.31 20.82 26.30
N GLN A 166 -3.73 22.00 26.57
CA GLN A 166 -3.23 22.86 25.51
C GLN A 166 -2.01 22.21 24.85
N TYR A 167 -2.12 21.99 23.54
CA TYR A 167 -1.05 21.36 22.75
C TYR A 167 -0.67 19.99 23.31
N ASP A 168 -1.68 19.15 23.51
CA ASP A 168 -1.49 17.79 24.00
C ASP A 168 -1.43 16.86 22.80
N SER A 169 -0.23 16.34 22.51
CA SER A 169 -0.07 15.41 21.41
C SER A 169 -0.45 13.99 21.80
N LEU A 170 -0.45 13.67 23.10
CA LEU A 170 -0.86 12.34 23.54
C LEU A 170 -2.35 12.12 23.31
N SER A 171 -3.14 13.19 23.29
CA SER A 171 -4.57 13.07 23.08
C SER A 171 -4.96 13.30 21.62
N LEU A 172 -4.46 14.38 21.01
CA LEU A 172 -4.79 14.71 19.64
C LEU A 172 -3.56 15.27 18.94
N ASN A 173 -3.21 14.69 17.80
CA ASN A 173 -2.07 15.14 17.00
C ASN A 173 -2.48 15.10 15.53
N ALA A 174 -2.80 16.26 14.97
CA ALA A 174 -3.25 16.42 13.58
C ALA A 174 -4.44 15.52 13.26
N PRO A 175 -5.60 15.75 13.88
CA PRO A 175 -6.78 14.94 13.56
C PRO A 175 -7.64 15.58 12.48
N ASN A 176 -8.53 14.76 11.92
CA ASN A 176 -9.52 15.21 10.93
C ASN A 176 -10.86 14.63 11.35
N PHE A 177 -11.60 15.38 12.17
CA PHE A 177 -12.89 14.92 12.68
C PHE A 177 -13.88 14.73 11.54
N VAL A 178 -14.35 13.49 11.36
CA VAL A 178 -15.26 13.17 10.28
C VAL A 178 -16.67 12.86 10.76
N SER A 179 -16.86 12.46 12.01
CA SER A 179 -18.18 12.11 12.50
C SER A 179 -18.26 12.35 14.00
N SER A 180 -19.50 12.48 14.49
CA SER A 180 -19.79 12.69 15.90
C SER A 180 -21.26 12.43 16.20
N PHE A 181 -21.54 11.55 17.17
CA PHE A 181 -22.91 11.22 17.50
C PHE A 181 -23.02 10.95 19.00
N THR A 182 -24.25 10.98 19.49
CA THR A 182 -24.53 10.81 20.91
C THR A 182 -25.40 9.57 21.09
N GLN A 183 -25.10 8.79 22.14
CA GLN A 183 -25.89 7.61 22.46
C GLN A 183 -25.74 7.33 23.94
N GLY A 184 -26.83 7.51 24.70
CA GLY A 184 -26.84 7.21 26.12
C GLY A 184 -25.87 8.04 26.94
N ASP A 185 -26.00 9.37 26.86
CA ASP A 185 -25.15 10.31 27.59
C ASP A 185 -23.67 10.10 27.27
N PHE A 186 -23.37 9.73 26.03
CA PHE A 186 -21.99 9.53 25.59
C PHE A 186 -21.86 9.99 24.15
N VAL A 187 -20.96 10.94 23.91
CA VAL A 187 -20.75 11.53 22.60
C VAL A 187 -19.46 10.97 22.03
N TYR A 188 -19.57 10.24 20.92
CA TYR A 188 -18.43 9.64 20.25
C TYR A 188 -17.94 10.52 19.12
N PHE A 189 -16.64 10.41 18.82
CA PHE A 189 -16.01 11.21 17.78
C PHE A 189 -15.16 10.30 16.89
N PHE A 190 -15.13 10.62 15.60
CA PHE A 190 -14.34 9.87 14.62
C PHE A 190 -13.37 10.84 13.96
N PHE A 191 -12.07 10.52 14.04
CA PHE A 191 -11.04 11.37 13.49
C PHE A 191 -9.82 10.52 13.17
N ARG A 192 -8.94 11.07 12.33
CA ARG A 192 -7.68 10.41 11.95
C ARG A 192 -6.52 11.29 12.40
N GLU A 193 -5.87 10.90 13.49
CA GLU A 193 -4.72 11.62 14.01
C GLU A 193 -3.45 10.77 13.86
N THR A 194 -2.31 11.45 13.91
CA THR A 194 -1.02 10.77 13.80
C THR A 194 -0.63 10.19 15.15
N ALA A 195 -0.31 8.91 15.16
CA ALA A 195 -0.01 8.19 16.40
C ALA A 195 1.41 8.51 16.87
N VAL A 196 1.53 9.05 18.08
CA VAL A 196 2.83 9.43 18.61
C VAL A 196 3.71 8.20 18.85
N GLU A 197 3.10 7.08 19.25
CA GLU A 197 3.87 5.87 19.51
C GLU A 197 4.44 5.26 18.24
N PHE A 198 3.70 5.36 17.13
CA PHE A 198 4.20 4.87 15.85
C PHE A 198 5.23 5.81 15.23
N ILE A 199 5.22 7.09 15.62
CA ILE A 199 6.21 8.05 15.12
C ILE A 199 7.63 7.57 15.39
N ASN A 200 7.84 6.87 16.50
CA ASN A 200 9.13 6.23 16.74
C ASN A 200 9.49 5.29 15.58
N CYS A 201 8.51 4.58 15.05
CA CYS A 201 8.70 3.69 13.92
C CYS A 201 8.62 4.43 12.59
N GLY A 202 7.56 5.22 12.40
CA GLY A 202 7.41 5.99 11.17
C GLY A 202 6.19 6.88 11.25
N LYS A 203 6.03 7.70 10.22
CA LYS A 203 4.90 8.62 10.13
C LYS A 203 3.71 7.90 9.52
N ALA A 204 2.64 7.74 10.32
CA ALA A 204 1.43 7.09 9.84
C ALA A 204 0.25 7.59 10.66
N ILE A 205 -0.94 7.44 10.09
CA ILE A 205 -2.17 7.92 10.70
C ILE A 205 -3.04 6.70 10.99
N TYR A 206 -3.50 6.57 12.23
CA TYR A 206 -4.37 5.47 12.62
C TYR A 206 -5.70 6.04 13.11
N SER A 207 -6.79 5.54 12.54
CA SER A 207 -8.12 6.02 12.91
C SER A 207 -8.42 5.64 14.35
N ARG A 208 -8.71 6.65 15.18
CA ARG A 208 -8.93 6.45 16.60
C ARG A 208 -10.27 7.05 16.99
N VAL A 209 -11.13 6.26 17.63
CA VAL A 209 -12.42 6.71 18.10
C VAL A 209 -12.29 7.14 19.54
N ALA A 210 -13.06 8.15 19.94
CA ALA A 210 -13.06 8.65 21.31
C ALA A 210 -14.48 8.82 21.79
N ARG A 211 -14.63 8.96 23.11
CA ARG A 211 -15.93 9.19 23.72
C ARG A 211 -15.75 10.01 24.98
N VAL A 212 -16.80 10.75 25.34
CA VAL A 212 -16.82 11.57 26.54
C VAL A 212 -18.22 11.51 27.14
N CYS A 213 -18.28 11.61 28.47
CA CYS A 213 -19.58 11.60 29.13
C CYS A 213 -20.35 12.88 28.81
N LYS A 214 -21.63 12.88 29.17
CA LYS A 214 -22.48 14.01 28.82
C LYS A 214 -22.21 15.21 29.73
N TRP A 215 -22.16 14.97 31.04
CA TRP A 215 -22.01 16.04 32.03
C TRP A 215 -20.66 15.88 32.74
N ASP A 216 -19.67 16.62 32.26
CA ASP A 216 -18.35 16.71 32.90
C ASP A 216 -18.21 18.16 33.35
N LYS A 217 -18.45 18.41 34.64
CA LYS A 217 -18.46 19.77 35.15
C LYS A 217 -17.06 20.36 35.22
N GLY A 218 -16.05 19.56 35.53
CA GLY A 218 -14.69 20.06 35.58
C GLY A 218 -13.81 19.17 36.43
N GLY A 219 -12.78 19.79 37.02
CA GLY A 219 -11.84 19.09 37.85
C GLY A 219 -11.34 19.95 39.00
N PRO A 220 -10.98 19.32 40.11
CA PRO A 220 -10.48 20.07 41.26
C PRO A 220 -9.02 20.49 41.09
N HIS A 221 -8.65 21.53 41.84
CA HIS A 221 -7.29 22.05 41.88
C HIS A 221 -6.82 22.48 40.48
N ARG A 222 -7.49 23.51 39.97
CA ARG A 222 -7.18 24.15 38.70
C ARG A 222 -7.38 23.24 37.50
N PHE A 223 -7.91 22.04 37.69
CA PHE A 223 -8.27 21.15 36.60
C PHE A 223 -9.68 21.43 36.06
N ARG A 224 -10.28 22.55 36.48
CA ARG A 224 -11.63 22.88 36.02
C ARG A 224 -11.70 23.06 34.52
N ASN A 225 -10.63 23.52 33.89
CA ASN A 225 -10.63 23.68 32.44
C ASN A 225 -10.54 22.33 31.73
N ARG A 226 -9.77 21.39 32.29
CA ARG A 226 -9.46 20.15 31.60
C ARG A 226 -10.59 19.14 31.72
N TRP A 227 -10.54 18.14 30.84
CA TRP A 227 -11.44 17.00 30.87
C TRP A 227 -10.87 15.91 31.77
N THR A 228 -11.76 15.16 32.41
CA THR A 228 -11.37 14.09 33.32
C THR A 228 -11.56 12.70 32.72
N SER A 229 -12.61 12.50 31.94
CA SER A 229 -12.97 11.18 31.43
C SER A 229 -12.63 11.02 29.94
N PHE A 230 -11.65 11.77 29.44
CA PHE A 230 -11.29 11.68 28.03
C PHE A 230 -10.57 10.36 27.78
N LEU A 231 -11.08 9.60 26.80
CA LEU A 231 -10.50 8.32 26.43
C LEU A 231 -10.59 8.15 24.92
N LYS A 232 -9.71 7.29 24.39
CA LYS A 232 -9.72 7.02 22.96
C LYS A 232 -9.09 5.66 22.71
N SER A 233 -9.38 5.10 21.54
CA SER A 233 -8.84 3.80 21.15
C SER A 233 -8.82 3.70 19.64
N ARG A 234 -7.91 2.90 19.13
CA ARG A 234 -7.72 2.77 17.69
C ARG A 234 -8.85 1.95 17.05
N LEU A 235 -9.08 2.21 15.77
CA LEU A 235 -10.02 1.44 14.96
C LEU A 235 -9.21 0.58 14.00
N ASN A 236 -9.39 -0.73 14.08
CA ASN A 236 -8.66 -1.68 13.25
C ASN A 236 -9.55 -2.01 12.04
N CYS A 237 -9.16 -1.48 10.89
CA CYS A 237 -9.86 -1.68 9.61
C CYS A 237 -8.88 -2.37 8.68
N SER A 238 -8.84 -3.70 8.74
CA SER A 238 -7.87 -4.49 8.01
C SER A 238 -8.56 -5.64 7.29
N ILE A 239 -7.87 -6.16 6.28
CA ILE A 239 -8.32 -7.35 5.56
C ILE A 239 -7.68 -8.56 6.22
N PRO A 240 -8.42 -9.31 7.04
CA PRO A 240 -7.80 -10.37 7.84
C PRO A 240 -7.34 -11.55 6.99
N GLY A 241 -6.44 -12.33 7.57
CA GLY A 241 -5.89 -13.50 6.92
C GLY A 241 -4.61 -13.93 7.62
N ASP A 242 -3.70 -14.48 6.82
CA ASP A 242 -2.39 -14.87 7.35
C ASP A 242 -1.57 -13.65 7.73
N TYR A 243 -1.67 -12.57 6.94
CA TYR A 243 -0.99 -11.31 7.22
C TYR A 243 -2.00 -10.19 7.15
N PRO A 244 -2.09 -9.33 8.17
CA PRO A 244 -3.07 -8.25 8.16
C PRO A 244 -2.63 -7.09 7.26
N PHE A 245 -3.58 -6.58 6.48
CA PHE A 245 -3.38 -5.42 5.62
C PHE A 245 -4.32 -4.32 6.11
N TYR A 246 -3.75 -3.25 6.65
CA TYR A 246 -4.54 -2.23 7.33
C TYR A 246 -4.95 -1.10 6.40
N PHE A 247 -5.98 -0.36 6.83
CA PHE A 247 -6.42 0.86 6.18
C PHE A 247 -6.29 2.00 7.18
N ASN A 248 -5.41 2.96 6.88
CA ASN A 248 -4.98 3.92 7.89
C ASN A 248 -5.97 5.08 8.02
N GLU A 249 -6.35 5.70 6.91
CA GLU A 249 -7.10 6.95 6.95
C GLU A 249 -8.60 6.69 6.86
N ILE A 250 -9.37 7.60 7.45
CA ILE A 250 -10.83 7.54 7.45
C ILE A 250 -11.36 8.83 6.82
N GLN A 251 -12.36 8.70 5.95
CA GLN A 251 -12.92 9.84 5.24
C GLN A 251 -14.32 10.22 5.71
N SER A 252 -15.12 9.26 6.16
CA SER A 252 -16.46 9.55 6.65
C SER A 252 -16.93 8.39 7.51
N ALA A 253 -18.07 8.60 8.18
CA ALA A 253 -18.65 7.57 9.04
C ALA A 253 -20.15 7.85 9.17
N SER A 254 -20.96 6.82 9.03
CA SER A 254 -22.40 6.97 9.03
C SER A 254 -22.94 7.01 10.45
N ASN A 255 -24.25 7.23 10.57
CA ASN A 255 -24.91 7.25 11.86
C ASN A 255 -25.12 5.83 12.38
N LEU A 256 -25.48 5.73 13.66
CA LEU A 256 -25.73 4.44 14.27
C LEU A 256 -26.96 3.78 13.64
N VAL A 257 -26.96 2.46 13.62
CA VAL A 257 -28.03 1.68 13.02
C VAL A 257 -28.63 0.77 14.09
N GLU A 258 -29.95 0.84 14.25
CA GLU A 258 -30.69 0.02 15.20
C GLU A 258 -31.68 -0.86 14.44
N GLY A 259 -31.71 -2.15 14.78
CA GLY A 259 -32.58 -3.08 14.10
C GLY A 259 -33.60 -3.75 14.98
N GLN A 260 -34.88 -3.46 14.74
CA GLN A 260 -36.02 -4.06 15.44
C GLN A 260 -35.87 -3.77 16.93
N TYR A 261 -35.96 -4.75 17.81
CA TYR A 261 -35.95 -4.52 19.24
C TYR A 261 -34.52 -4.47 19.78
N GLY A 262 -34.40 -4.01 21.03
CA GLY A 262 -33.11 -3.88 21.68
C GLY A 262 -32.46 -5.19 22.07
N SER A 263 -33.25 -6.29 22.09
CA SER A 263 -32.69 -7.59 22.42
C SER A 263 -31.59 -7.99 21.44
N MET A 264 -31.71 -7.56 20.19
CA MET A 264 -30.66 -7.79 19.21
C MET A 264 -29.45 -6.93 19.51
N SER A 265 -28.26 -7.46 19.25
CA SER A 265 -27.01 -6.74 19.46
C SER A 265 -26.54 -6.03 18.20
N SER A 266 -27.40 -5.89 17.20
CA SER A 266 -27.04 -5.31 15.92
C SER A 266 -27.12 -3.78 16.01
N LYS A 267 -26.14 -3.21 16.70
CA LYS A 267 -25.87 -1.77 16.69
C LYS A 267 -24.60 -1.59 15.88
N LEU A 268 -24.72 -1.09 14.67
CA LEU A 268 -23.65 -1.12 13.69
C LEU A 268 -23.36 0.29 13.22
N ILE A 269 -22.09 0.68 13.23
CA ILE A 269 -21.65 1.98 12.72
C ILE A 269 -20.75 1.73 11.52
N TYR A 270 -21.09 2.35 10.39
CA TYR A 270 -20.34 2.18 9.15
C TYR A 270 -19.43 3.38 8.92
N GLY A 271 -18.15 3.12 8.72
CA GLY A 271 -17.18 4.17 8.48
C GLY A 271 -16.45 3.93 7.18
N VAL A 272 -16.17 5.01 6.45
CA VAL A 272 -15.44 4.93 5.20
C VAL A 272 -13.95 5.11 5.49
N PHE A 273 -13.15 4.12 5.10
CA PHE A 273 -11.71 4.16 5.28
C PHE A 273 -11.01 4.02 3.94
N ASN A 274 -9.76 4.44 3.89
CA ASN A 274 -8.96 4.35 2.68
C ASN A 274 -7.49 4.32 3.08
N THR A 275 -6.64 4.24 2.11
CA THR A 275 -5.21 4.12 2.21
C THR A 275 -4.58 5.51 2.22
N PRO A 276 -3.48 5.69 2.95
CA PRO A 276 -2.84 7.01 3.04
C PRO A 276 -2.47 7.57 1.67
N SER A 277 -1.99 8.82 1.72
CA SER A 277 -1.64 9.55 0.51
C SER A 277 -0.47 8.89 -0.22
N ASN A 278 0.55 8.45 0.52
CA ASN A 278 1.71 7.85 -0.13
C ASN A 278 1.35 6.55 -0.83
N SER A 279 0.40 5.80 -0.29
CA SER A 279 0.03 4.51 -0.85
C SER A 279 -1.11 4.66 -1.85
N ILE A 280 -1.55 3.53 -2.39
CA ILE A 280 -2.43 3.48 -3.55
C ILE A 280 -3.86 3.90 -3.18
N PRO A 281 -4.68 4.33 -4.16
CA PRO A 281 -6.00 4.88 -3.83
C PRO A 281 -7.02 3.88 -3.31
N GLY A 282 -6.59 2.68 -2.96
CA GLY A 282 -7.51 1.67 -2.44
C GLY A 282 -8.27 2.11 -1.21
N SER A 283 -9.60 2.00 -1.26
CA SER A 283 -10.46 2.40 -0.16
C SER A 283 -11.27 1.20 0.32
N ALA A 284 -11.69 1.25 1.59
CA ALA A 284 -12.42 0.16 2.20
C ALA A 284 -13.47 0.69 3.16
N VAL A 285 -14.68 0.13 3.07
CA VAL A 285 -15.75 0.45 3.99
C VAL A 285 -15.74 -0.56 5.12
N CYS A 286 -15.35 -0.13 6.32
CA CYS A 286 -15.24 -0.98 7.48
C CYS A 286 -16.35 -0.64 8.47
N ALA A 287 -17.02 -1.67 8.96
CA ALA A 287 -18.09 -1.51 9.94
C ALA A 287 -17.54 -1.71 11.36
N PHE A 288 -18.08 -0.95 12.30
CA PHE A 288 -17.69 -1.03 13.70
C PHE A 288 -18.93 -0.91 14.56
N ALA A 289 -19.06 -1.77 15.56
CA ALA A 289 -20.22 -1.78 16.44
C ALA A 289 -19.93 -0.99 17.71
N LEU A 290 -20.99 -0.41 18.28
CA LEU A 290 -20.85 0.26 19.57
C LEU A 290 -20.50 -0.73 20.67
N GLN A 291 -20.89 -1.99 20.51
CA GLN A 291 -20.48 -3.03 21.46
C GLN A 291 -19.00 -3.36 21.29
N ASP A 292 -18.52 -3.40 20.03
CA ASP A 292 -17.10 -3.64 19.80
C ASP A 292 -16.25 -2.47 20.26
N ILE A 293 -16.81 -1.25 20.25
CA ILE A 293 -16.09 -0.10 20.75
C ILE A 293 -15.93 -0.19 22.26
N ALA A 294 -17.01 -0.55 22.96
CA ALA A 294 -16.97 -0.63 24.42
C ALA A 294 -16.06 -1.74 24.93
N ASP A 295 -15.70 -2.70 24.07
CA ASP A 295 -14.82 -3.78 24.50
C ASP A 295 -13.42 -3.27 24.81
N THR A 296 -12.90 -2.36 23.98
CA THR A 296 -11.55 -1.83 24.20
C THR A 296 -11.51 -0.79 25.31
N PHE A 297 -12.59 -0.04 25.51
CA PHE A 297 -12.60 0.97 26.56
C PHE A 297 -12.60 0.33 27.95
N GLU A 298 -13.28 -0.80 28.10
CA GLU A 298 -13.17 -1.55 29.35
C GLU A 298 -11.79 -2.17 29.49
N GLY A 299 -11.12 -2.43 28.37
CA GLY A 299 -9.76 -2.94 28.40
C GLY A 299 -8.79 -1.91 28.94
N GLN A 300 -7.56 -2.37 29.13
CA GLN A 300 -6.53 -1.54 29.72
C GLN A 300 -6.06 -0.47 28.73
N PHE A 301 -5.21 0.42 29.22
CA PHE A 301 -4.68 1.53 28.44
C PHE A 301 -3.32 1.16 27.86
N LYS A 302 -2.97 1.84 26.77
CA LYS A 302 -1.69 1.60 26.11
C LYS A 302 -0.56 2.27 26.89
N GLU A 303 0.57 1.57 26.98
CA GLU A 303 1.70 2.07 27.75
C GLU A 303 2.36 3.25 27.04
N GLN A 304 2.86 4.20 27.84
CA GLN A 304 3.57 5.37 27.33
C GLN A 304 4.75 5.63 28.24
N THR A 305 5.97 5.41 27.73
CA THR A 305 7.20 5.61 28.48
C THR A 305 7.98 6.79 27.90
N GLY A 306 9.08 7.12 28.57
CA GLY A 306 9.93 8.21 28.15
C GLY A 306 11.25 7.72 27.56
N ILE A 307 12.17 8.67 27.38
CA ILE A 307 13.48 8.34 26.85
C ILE A 307 14.35 7.71 27.92
N ASN A 308 14.28 8.22 29.15
CA ASN A 308 15.06 7.69 30.26
C ASN A 308 14.29 6.61 31.02
N SER A 309 13.06 6.91 31.42
CA SER A 309 12.27 5.94 32.16
C SER A 309 11.79 4.82 31.25
N ASN A 310 11.63 3.63 31.83
CA ASN A 310 11.18 2.45 31.11
C ASN A 310 9.91 1.93 31.77
N TRP A 311 8.91 1.62 30.95
CA TRP A 311 7.63 1.14 31.46
C TRP A 311 7.14 -0.02 30.60
N LEU A 312 6.48 -0.98 31.25
CA LEU A 312 5.88 -2.16 30.64
C LEU A 312 4.40 -1.91 30.39
N PRO A 313 3.74 -2.72 29.57
CA PRO A 313 2.30 -2.52 29.32
C PRO A 313 1.51 -2.56 30.62
N VAL A 314 0.54 -1.63 30.72
CA VAL A 314 -0.17 -1.41 31.97
C VAL A 314 -0.85 -2.69 32.46
N ASN A 315 -0.94 -2.82 33.78
CA ASN A 315 -1.53 -3.99 34.43
C ASN A 315 -2.76 -3.58 35.21
N ASN A 316 -3.54 -4.57 35.62
CA ASN A 316 -4.80 -4.32 36.32
C ASN A 316 -4.59 -3.75 37.72
N ALA A 317 -3.39 -3.86 38.28
CA ALA A 317 -3.14 -3.30 39.60
C ALA A 317 -3.12 -1.78 39.58
N LYS A 318 -2.77 -1.18 38.43
CA LYS A 318 -2.63 0.27 38.34
C LYS A 318 -3.96 1.01 38.27
N VAL A 319 -5.03 0.35 37.85
CA VAL A 319 -6.31 1.05 37.65
C VAL A 319 -6.84 1.51 39.00
N PRO A 320 -7.44 2.70 39.08
CA PRO A 320 -7.96 3.18 40.36
C PRO A 320 -9.36 2.64 40.63
N ASP A 321 -9.85 2.93 41.84
CA ASP A 321 -11.22 2.56 42.18
C ASP A 321 -12.25 3.24 41.29
N PRO A 322 -12.20 4.55 41.04
CA PRO A 322 -13.10 5.12 40.04
C PRO A 322 -12.76 4.62 38.64
N ARG A 323 -13.81 4.26 37.89
CA ARG A 323 -13.57 3.72 36.56
C ARG A 323 -13.49 4.85 35.55
N PRO A 324 -12.43 4.92 34.75
CA PRO A 324 -12.30 6.03 33.78
C PRO A 324 -13.33 5.92 32.67
N GLY A 325 -13.87 7.07 32.27
CA GLY A 325 -14.84 7.12 31.20
C GLY A 325 -16.23 6.69 31.61
N SER A 326 -16.75 7.27 32.68
CA SER A 326 -18.07 6.95 33.19
C SER A 326 -18.73 8.20 33.73
N CYS A 327 -20.03 8.33 33.49
CA CYS A 327 -20.77 9.49 33.97
C CYS A 327 -21.00 9.38 35.48
N HIS A 328 -20.45 10.33 36.22
CA HIS A 328 -20.66 10.42 37.65
C HIS A 328 -21.62 11.55 37.98
N ASN A 329 -22.17 11.51 39.20
CA ASN A 329 -23.04 12.59 39.65
C ASN A 329 -22.24 13.83 40.03
N ASP A 330 -21.01 13.66 40.49
CA ASP A 330 -20.13 14.77 40.85
C ASP A 330 -18.75 14.47 40.30
N SER A 331 -18.31 15.25 39.31
CA SER A 331 -16.99 15.07 38.73
C SER A 331 -15.90 15.82 39.49
N ARG A 332 -16.25 16.92 40.16
CA ARG A 332 -15.27 17.67 40.92
C ARG A 332 -14.83 16.91 42.18
N ALA A 333 -15.75 16.17 42.81
CA ALA A 333 -15.43 15.39 43.99
C ALA A 333 -14.57 14.17 43.68
N LEU A 334 -14.28 13.91 42.40
CA LEU A 334 -13.47 12.77 42.03
C LEU A 334 -12.02 12.99 42.46
N PRO A 335 -11.34 11.96 42.95
CA PRO A 335 -9.96 12.14 43.43
C PRO A 335 -9.00 12.51 42.31
N ASP A 336 -7.83 12.96 42.74
CA ASP A 336 -6.77 13.47 41.86
C ASP A 336 -5.79 12.42 41.34
N PRO A 337 -5.40 11.40 42.11
CA PRO A 337 -4.41 10.43 41.58
C PRO A 337 -4.77 9.82 40.24
N THR A 338 -6.06 9.63 39.96
CA THR A 338 -6.45 9.18 38.63
C THR A 338 -6.56 10.33 37.63
N LEU A 339 -6.71 11.57 38.10
CA LEU A 339 -6.70 12.71 37.19
C LEU A 339 -5.29 13.00 36.70
N ASN A 340 -4.29 12.82 37.54
CA ASN A 340 -2.90 12.86 37.08
C ASN A 340 -2.57 11.63 36.22
N PHE A 341 -3.38 10.59 36.31
CA PHE A 341 -3.15 9.33 35.60
C PHE A 341 -3.81 9.29 34.23
N ILE A 342 -4.94 10.00 34.06
CA ILE A 342 -5.74 9.85 32.85
C ILE A 342 -5.00 10.40 31.62
N LYS A 343 -4.24 11.49 31.81
CA LYS A 343 -3.56 12.11 30.67
C LYS A 343 -2.54 11.17 30.05
N THR A 344 -1.73 10.52 30.88
CA THR A 344 -0.68 9.65 30.36
C THR A 344 -1.27 8.40 29.71
N HIS A 345 -2.34 7.86 30.27
CA HIS A 345 -2.91 6.59 29.84
C HIS A 345 -4.30 6.75 29.24
N SER A 346 -4.51 7.80 28.46
CA SER A 346 -5.81 8.00 27.82
C SER A 346 -6.05 6.94 26.74
N LEU A 347 -5.03 6.64 25.94
CA LEU A 347 -5.20 5.70 24.84
C LEU A 347 -5.26 4.26 25.34
N MET A 348 -6.07 3.46 24.66
CA MET A 348 -6.24 2.05 25.01
C MET A 348 -5.20 1.17 24.31
N ASP A 349 -5.08 -0.06 24.82
CA ASP A 349 -4.04 -0.97 24.32
C ASP A 349 -4.48 -1.67 23.03
N GLU A 350 -5.69 -2.22 23.02
CA GLU A 350 -6.18 -3.00 21.89
C GLU A 350 -7.09 -2.17 21.01
N ASN A 351 -7.07 -2.49 19.72
CA ASN A 351 -7.88 -1.78 18.73
C ASN A 351 -9.25 -2.46 18.61
N VAL A 352 -10.22 -1.68 18.12
CA VAL A 352 -11.58 -2.16 17.95
C VAL A 352 -11.62 -3.11 16.76
N PRO A 353 -12.01 -4.37 16.95
CA PRO A 353 -12.06 -5.31 15.83
C PRO A 353 -13.17 -4.95 14.84
N ALA A 354 -12.93 -5.28 13.58
CA ALA A 354 -13.91 -5.00 12.54
C ALA A 354 -15.10 -5.95 12.65
N PHE A 355 -16.24 -5.49 12.15
CA PHE A 355 -17.45 -6.32 12.17
C PHE A 355 -17.26 -7.56 11.32
N PHE A 356 -17.59 -8.72 11.89
CA PHE A 356 -17.49 -10.02 11.22
C PHE A 356 -16.07 -10.31 10.74
N SER A 357 -15.08 -9.58 11.27
CA SER A 357 -13.67 -9.78 10.93
C SER A 357 -13.41 -9.70 9.43
N GLN A 358 -13.91 -8.63 8.81
CA GLN A 358 -13.68 -8.28 7.41
C GLN A 358 -14.37 -6.96 7.09
N PRO A 359 -13.78 -6.12 6.25
CA PRO A 359 -14.48 -4.91 5.81
C PRO A 359 -15.75 -5.24 5.03
N ILE A 360 -16.62 -4.23 4.94
CA ILE A 360 -17.88 -4.41 4.23
C ILE A 360 -17.66 -4.33 2.72
N LEU A 361 -17.00 -3.28 2.26
CA LEU A 361 -16.76 -3.07 0.83
C LEU A 361 -15.31 -2.63 0.62
N VAL A 362 -14.67 -3.20 -0.40
CA VAL A 362 -13.28 -2.90 -0.73
C VAL A 362 -13.18 -2.57 -2.20
N ARG A 363 -12.41 -1.53 -2.52
CA ARG A 363 -12.17 -1.12 -3.91
C ARG A 363 -10.71 -0.69 -4.01
N THR A 364 -9.89 -1.54 -4.63
CA THR A 364 -8.44 -1.35 -4.66
C THR A 364 -7.90 -1.02 -6.05
N SER A 365 -8.30 -1.77 -7.06
CA SER A 365 -7.73 -1.60 -8.40
C SER A 365 -8.12 -0.25 -9.02
N THR A 366 -9.28 0.28 -8.65
CA THR A 366 -9.77 1.49 -9.27
C THR A 366 -9.00 2.72 -8.78
N ILE A 367 -9.04 3.78 -9.58
CA ILE A 367 -8.30 5.00 -9.26
C ILE A 367 -9.05 5.82 -8.22
N TYR A 368 -10.38 5.82 -8.26
CA TYR A 368 -11.14 6.66 -7.35
C TYR A 368 -11.08 6.15 -5.92
N ARG A 369 -11.19 7.08 -4.97
CA ARG A 369 -11.22 6.79 -3.56
C ARG A 369 -12.58 7.13 -2.97
N PHE A 370 -12.99 6.37 -1.97
CA PHE A 370 -14.24 6.68 -1.26
C PHE A 370 -14.11 8.00 -0.52
N THR A 371 -15.18 8.79 -0.55
CA THR A 371 -15.18 10.11 0.08
C THR A 371 -16.30 10.32 1.09
N GLN A 372 -17.46 9.69 0.91
CA GLN A 372 -18.59 9.86 1.80
C GLN A 372 -19.31 8.53 1.96
N ILE A 373 -20.40 8.56 2.73
CA ILE A 373 -21.16 7.34 3.01
C ILE A 373 -22.59 7.74 3.37
N ALA A 374 -23.52 6.85 3.08
CA ALA A 374 -24.92 7.05 3.44
C ALA A 374 -25.57 5.68 3.61
N VAL A 375 -26.34 5.52 4.69
CA VAL A 375 -26.95 4.24 5.04
C VAL A 375 -28.46 4.40 5.02
N ASP A 376 -29.14 3.47 4.37
CA ASP A 376 -30.59 3.42 4.31
C ASP A 376 -31.11 2.41 5.32
N ALA A 377 -32.35 2.62 5.77
CA ALA A 377 -32.97 1.74 6.75
C ALA A 377 -33.18 0.35 6.17
N GLN A 378 -33.19 -0.64 7.06
CA GLN A 378 -33.37 -2.04 6.66
C GLN A 378 -34.81 -2.25 6.20
N ILE A 379 -34.99 -2.40 4.89
CA ILE A 379 -36.32 -2.64 4.35
C ILE A 379 -36.70 -4.10 4.54
N LYS A 380 -38.00 -4.38 4.46
CA LYS A 380 -38.52 -5.74 4.61
C LYS A 380 -38.48 -6.42 3.25
N THR A 381 -37.48 -7.27 3.04
CA THR A 381 -37.39 -8.00 1.79
C THR A 381 -38.35 -9.18 1.81
N PRO A 382 -38.81 -9.62 0.63
CA PRO A 382 -39.71 -10.80 0.59
C PRO A 382 -39.10 -12.07 1.18
N GLY A 383 -37.79 -12.11 1.39
CA GLY A 383 -37.14 -13.26 1.98
C GLY A 383 -37.31 -13.40 3.47
N GLY A 384 -38.07 -12.51 4.10
CA GLY A 384 -38.30 -12.59 5.53
C GLY A 384 -37.14 -12.12 6.39
N LYS A 385 -36.21 -11.36 5.84
CA LYS A 385 -35.06 -10.86 6.57
C LYS A 385 -34.88 -9.38 6.30
N THR A 386 -33.99 -8.75 7.07
CA THR A 386 -33.68 -7.33 6.92
C THR A 386 -32.18 -7.15 7.02
N TYR A 387 -31.57 -6.58 5.97
CA TYR A 387 -30.16 -6.28 5.96
C TYR A 387 -29.96 -4.80 5.66
N ASP A 388 -28.75 -4.31 5.95
CA ASP A 388 -28.44 -2.89 5.84
C ASP A 388 -28.02 -2.54 4.42
N VAL A 389 -28.31 -1.31 4.02
CA VAL A 389 -27.98 -0.78 2.70
C VAL A 389 -26.93 0.30 2.88
N ILE A 390 -25.93 0.28 1.99
CA ILE A 390 -24.78 1.19 2.06
C ILE A 390 -24.70 1.97 0.76
N PHE A 391 -24.49 3.28 0.87
CA PHE A 391 -24.27 4.15 -0.28
C PHE A 391 -22.99 4.93 -0.02
N VAL A 392 -21.96 4.70 -0.82
CA VAL A 392 -20.66 5.30 -0.63
C VAL A 392 -20.26 6.05 -1.91
N GLY A 393 -19.90 7.32 -1.75
CA GLY A 393 -19.47 8.14 -2.86
C GLY A 393 -17.96 8.16 -3.02
N THR A 394 -17.51 8.74 -4.12
CA THR A 394 -16.09 8.79 -4.46
C THR A 394 -15.72 10.19 -4.93
N ASP A 395 -14.41 10.44 -4.97
CA ASP A 395 -13.92 11.70 -5.54
C ASP A 395 -14.20 11.78 -7.04
N HIS A 396 -14.25 10.62 -7.71
CA HIS A 396 -14.63 10.57 -9.11
C HIS A 396 -16.08 10.98 -9.31
N GLY A 397 -16.91 10.85 -8.28
CA GLY A 397 -18.34 11.11 -8.38
C GLY A 397 -19.18 9.86 -8.56
N LYS A 398 -18.55 8.70 -8.76
CA LYS A 398 -19.27 7.46 -8.98
C LYS A 398 -19.85 6.93 -7.67
N ILE A 399 -21.15 6.67 -7.69
CA ILE A 399 -21.89 6.19 -6.52
C ILE A 399 -22.10 4.69 -6.65
N ILE A 400 -21.97 3.96 -5.55
CA ILE A 400 -22.10 2.51 -5.52
C ILE A 400 -23.18 2.13 -4.52
N LYS A 401 -24.17 1.37 -4.98
CA LYS A 401 -25.20 0.82 -4.10
C LYS A 401 -24.81 -0.59 -3.68
N SER A 402 -25.06 -0.91 -2.41
CA SER A 402 -24.60 -2.19 -1.90
C SER A 402 -25.49 -2.65 -0.74
N VAL A 403 -25.62 -3.98 -0.63
CA VAL A 403 -26.23 -4.64 0.50
C VAL A 403 -25.35 -5.84 0.83
N ASN A 404 -25.47 -6.36 2.06
CA ASN A 404 -24.56 -7.39 2.52
C ASN A 404 -25.32 -8.57 3.10
N ALA A 405 -24.96 -9.76 2.65
CA ALA A 405 -25.40 -11.01 3.24
C ALA A 405 -24.19 -11.75 3.77
N GLU A 406 -24.31 -12.36 4.94
CA GLU A 406 -23.19 -13.04 5.59
C GLU A 406 -23.06 -14.46 5.06
N SER A 407 -21.87 -14.79 4.57
CA SER A 407 -21.56 -16.13 4.07
C SER A 407 -20.54 -16.78 4.99
N ALA A 408 -20.72 -18.07 5.27
CA ALA A 408 -19.88 -18.79 6.20
C ALA A 408 -18.71 -19.44 5.47
N ASP A 409 -17.51 -19.20 5.99
CA ASP A 409 -16.29 -19.76 5.42
C ASP A 409 -15.22 -19.79 6.50
N SER A 410 -14.12 -20.48 6.20
CA SER A 410 -13.00 -20.55 7.13
C SER A 410 -12.38 -19.18 7.36
N ALA A 411 -12.34 -18.34 6.32
CA ALA A 411 -11.82 -16.98 6.45
C ALA A 411 -12.93 -15.94 6.57
N ASP A 412 -14.15 -16.36 6.87
CA ASP A 412 -15.30 -15.46 7.02
C ASP A 412 -15.49 -14.58 5.79
N LYS A 413 -15.39 -15.19 4.61
CA LYS A 413 -15.54 -14.45 3.36
C LYS A 413 -16.94 -13.84 3.25
N VAL A 414 -17.01 -12.53 3.08
CA VAL A 414 -18.26 -11.80 2.94
C VAL A 414 -18.41 -11.35 1.50
N THR A 415 -19.56 -11.61 0.91
CA THR A 415 -19.83 -11.21 -0.47
C THR A 415 -20.20 -9.73 -0.49
N SER A 416 -19.40 -8.93 -1.22
CA SER A 416 -19.67 -7.50 -1.38
C SER A 416 -20.55 -7.33 -2.61
N VAL A 417 -21.86 -7.14 -2.39
CA VAL A 417 -22.82 -7.03 -3.48
C VAL A 417 -22.71 -5.62 -4.07
N VAL A 418 -22.16 -5.52 -5.27
CA VAL A 418 -22.09 -4.27 -6.01
C VAL A 418 -23.31 -4.24 -6.93
N ILE A 419 -24.36 -3.56 -6.51
CA ILE A 419 -25.62 -3.52 -7.25
C ILE A 419 -25.40 -2.83 -8.59
N GLU A 420 -25.20 -1.51 -8.55
CA GLU A 420 -24.93 -0.74 -9.75
C GLU A 420 -23.91 0.34 -9.42
N GLU A 421 -22.94 0.52 -10.33
CA GLU A 421 -21.87 1.49 -10.17
C GLU A 421 -22.02 2.65 -11.15
N ILE A 422 -23.25 3.04 -11.45
CA ILE A 422 -23.50 4.08 -12.45
C ILE A 422 -23.16 5.44 -11.85
N ASP A 423 -22.41 6.24 -12.60
CA ASP A 423 -22.06 7.60 -12.19
C ASP A 423 -23.18 8.55 -12.61
N VAL A 424 -23.47 9.50 -11.73
CA VAL A 424 -24.61 10.39 -11.90
C VAL A 424 -24.17 11.80 -12.31
N LEU A 425 -23.10 12.32 -11.72
CA LEU A 425 -22.68 13.69 -11.94
C LEU A 425 -21.46 13.75 -12.86
N THR A 426 -20.91 14.95 -13.02
CA THR A 426 -19.75 15.14 -13.87
C THR A 426 -18.53 14.45 -13.27
N LYS A 427 -17.71 13.86 -14.14
CA LYS A 427 -16.51 13.16 -13.70
C LYS A 427 -15.57 14.07 -12.92
N SER A 428 -15.56 15.37 -13.23
CA SER A 428 -14.61 16.28 -12.62
C SER A 428 -14.91 16.52 -11.15
N GLU A 429 -16.18 16.72 -10.82
CA GLU A 429 -16.55 17.18 -9.48
C GLU A 429 -16.52 16.01 -8.49
N PRO A 430 -16.03 16.25 -7.27
CA PRO A 430 -16.01 15.19 -6.26
C PRO A 430 -17.16 15.28 -5.26
N ILE A 431 -17.76 14.15 -4.94
CA ILE A 431 -18.82 14.11 -3.93
C ILE A 431 -18.22 14.39 -2.57
N ARG A 432 -18.86 15.26 -1.80
CA ARG A 432 -18.37 15.63 -0.48
C ARG A 432 -19.40 15.51 0.63
N ASN A 433 -20.63 15.10 0.33
CA ASN A 433 -21.62 14.83 1.36
C ASN A 433 -22.78 14.06 0.74
N LEU A 434 -23.33 13.11 1.50
CA LEU A 434 -24.41 12.25 1.04
C LEU A 434 -25.49 12.16 2.11
N GLU A 435 -26.72 11.92 1.67
CA GLU A 435 -27.85 11.80 2.58
C GLU A 435 -28.97 11.06 1.87
N ILE A 436 -29.74 10.30 2.66
CA ILE A 436 -30.92 9.59 2.16
C ILE A 436 -32.16 10.22 2.77
N VAL A 437 -33.24 10.23 2.00
CA VAL A 437 -34.51 10.81 2.42
C VAL A 437 -35.41 9.70 2.92
N ARG A 438 -36.05 9.93 4.06
CA ARG A 438 -36.93 8.92 4.67
C ARG A 438 -38.39 9.33 4.57
N ASP A 451 -40.02 11.45 1.95
CA ASP A 451 -40.87 10.26 2.05
C ASP A 451 -40.57 9.30 0.91
N ASP A 452 -40.76 9.77 -0.32
CA ASP A 452 -40.46 8.96 -1.49
C ASP A 452 -38.99 8.60 -1.53
N GLY A 453 -38.68 7.46 -2.13
CA GLY A 453 -37.32 6.98 -2.18
C GLY A 453 -36.46 7.84 -3.10
N LYS A 454 -35.45 8.49 -2.55
CA LYS A 454 -34.55 9.35 -3.32
C LYS A 454 -33.19 9.34 -2.63
N LEU A 455 -32.25 10.10 -3.20
CA LEU A 455 -30.89 10.18 -2.67
C LEU A 455 -30.41 11.61 -2.79
N ILE A 456 -29.56 12.02 -1.85
CA ILE A 456 -28.97 13.36 -1.84
C ILE A 456 -27.47 13.23 -2.01
N ILE A 457 -26.95 13.90 -3.04
CA ILE A 457 -25.52 13.84 -3.37
C ILE A 457 -25.02 15.29 -3.34
N VAL A 458 -24.61 15.75 -2.16
CA VAL A 458 -24.13 17.12 -2.00
C VAL A 458 -22.68 17.17 -2.49
N THR A 459 -22.45 17.91 -3.57
CA THR A 459 -21.12 18.08 -4.14
C THR A 459 -20.76 19.56 -4.19
N ASP A 460 -19.56 19.84 -4.68
CA ASP A 460 -19.10 21.22 -4.78
C ASP A 460 -19.85 21.99 -5.86
N SER A 461 -20.08 21.36 -7.02
CA SER A 461 -20.73 22.06 -8.12
C SER A 461 -22.24 22.16 -7.90
N GLN A 462 -22.88 21.06 -7.51
CA GLN A 462 -24.32 21.02 -7.39
C GLN A 462 -24.71 19.84 -6.53
N VAL A 463 -25.98 19.81 -6.14
CA VAL A 463 -26.59 18.68 -5.43
C VAL A 463 -27.69 18.12 -6.32
N VAL A 464 -27.68 16.81 -6.54
CA VAL A 464 -28.61 16.15 -7.44
C VAL A 464 -29.39 15.10 -6.66
N ALA A 465 -30.71 15.12 -6.82
CA ALA A 465 -31.60 14.20 -6.14
C ALA A 465 -32.08 13.16 -7.14
N ILE A 466 -31.67 11.90 -6.95
CA ILE A 466 -32.07 10.80 -7.80
C ILE A 466 -32.69 9.72 -6.92
N GLN A 467 -33.44 8.83 -7.55
CA GLN A 467 -34.17 7.81 -6.79
C GLN A 467 -33.21 6.89 -6.06
N LEU A 468 -33.67 6.38 -4.91
CA LEU A 468 -32.79 5.58 -4.06
C LEU A 468 -32.49 4.23 -4.70
N HIS A 469 -33.51 3.54 -5.18
CA HIS A 469 -33.35 2.27 -5.88
C HIS A 469 -33.97 2.37 -7.28
N ARG A 470 -33.32 1.70 -8.24
CA ARG A 470 -33.73 1.74 -9.64
C ARG A 470 -34.46 0.47 -10.07
N CYS A 471 -35.24 -0.13 -9.18
CA CYS A 471 -36.11 -1.23 -9.59
C CYS A 471 -37.17 -0.73 -10.57
N HIS A 472 -37.74 0.44 -10.30
CA HIS A 472 -38.58 1.13 -11.27
C HIS A 472 -37.73 2.06 -12.13
N ASN A 473 -38.33 2.56 -13.20
CA ASN A 473 -37.70 3.48 -14.16
C ASN A 473 -36.49 2.85 -14.85
N ASP A 474 -36.30 1.55 -14.72
CA ASP A 474 -35.21 0.84 -15.39
C ASP A 474 -35.80 -0.28 -16.22
N LYS A 475 -35.60 -0.21 -17.53
CA LYS A 475 -36.23 -1.17 -18.44
C LYS A 475 -35.24 -1.49 -19.57
N ILE A 476 -34.60 -2.65 -19.48
CA ILE A 476 -33.75 -3.16 -20.55
C ILE A 476 -34.52 -4.13 -21.45
N THR A 477 -35.84 -4.18 -21.32
CA THR A 477 -36.77 -5.06 -22.06
C THR A 477 -36.48 -6.54 -21.82
N SER A 478 -35.77 -6.85 -20.72
CA SER A 478 -35.47 -8.22 -20.33
C SER A 478 -35.90 -8.45 -18.89
N CYS A 479 -36.48 -9.63 -18.65
CA CYS A 479 -36.90 -10.01 -17.30
C CYS A 479 -35.72 -10.13 -16.34
N SER A 480 -34.54 -10.51 -16.84
CA SER A 480 -33.42 -10.85 -15.99
C SER A 480 -32.91 -9.68 -15.16
N GLU A 481 -33.22 -8.45 -15.57
CA GLU A 481 -32.64 -7.27 -14.92
C GLU A 481 -32.92 -7.25 -13.41
N CYS A 482 -34.18 -7.46 -13.02
CA CYS A 482 -34.51 -7.48 -11.60
C CYS A 482 -33.82 -8.62 -10.87
N VAL A 483 -33.85 -9.82 -11.47
CA VAL A 483 -33.33 -11.01 -10.79
C VAL A 483 -31.82 -10.96 -10.65
N ALA A 484 -31.12 -10.44 -11.65
CA ALA A 484 -29.66 -10.48 -11.62
C ALA A 484 -29.08 -9.46 -10.65
N LEU A 485 -29.77 -8.35 -10.43
CA LEU A 485 -29.23 -7.29 -9.59
C LEU A 485 -29.15 -7.72 -8.12
N GLN A 486 -30.14 -8.50 -7.66
CA GLN A 486 -30.26 -8.93 -6.26
C GLN A 486 -30.54 -7.76 -5.33
N ASP A 487 -31.27 -6.76 -5.83
CA ASP A 487 -31.61 -5.59 -5.02
C ASP A 487 -32.78 -5.91 -4.11
N PRO A 488 -32.71 -5.54 -2.82
CA PRO A 488 -33.81 -5.88 -1.90
C PRO A 488 -35.14 -5.26 -2.28
N TYR A 489 -35.15 -4.05 -2.83
CA TYR A 489 -36.39 -3.40 -3.22
C TYR A 489 -37.01 -4.01 -4.47
N CYS A 490 -36.20 -4.68 -5.29
CA CYS A 490 -36.69 -5.21 -6.55
C CYS A 490 -37.55 -6.47 -6.34
N ALA A 491 -38.57 -6.60 -7.16
CA ALA A 491 -39.45 -7.76 -7.15
C ALA A 491 -40.22 -7.79 -8.46
N TRP A 492 -40.48 -8.99 -8.98
CA TRP A 492 -41.11 -9.15 -10.28
C TRP A 492 -42.49 -9.76 -10.11
N ASP A 493 -43.39 -9.42 -11.05
CA ASP A 493 -44.74 -9.92 -11.06
C ASP A 493 -44.98 -10.71 -12.34
N LYS A 494 -45.91 -11.66 -12.27
CA LYS A 494 -46.19 -12.57 -13.39
C LYS A 494 -47.23 -11.97 -14.33
N ILE A 495 -48.42 -11.65 -13.82
CA ILE A 495 -49.49 -11.15 -14.67
C ILE A 495 -49.17 -9.73 -15.15
N ALA A 496 -48.43 -8.96 -14.35
CA ALA A 496 -48.05 -7.60 -14.70
C ALA A 496 -46.55 -7.52 -14.96
N GLY A 497 -46.17 -6.75 -15.97
CA GLY A 497 -44.78 -6.57 -16.35
C GLY A 497 -44.01 -5.57 -15.53
N LYS A 498 -44.58 -5.05 -14.45
CA LYS A 498 -43.91 -4.04 -13.64
C LYS A 498 -42.98 -4.70 -12.63
N CYS A 499 -41.78 -4.13 -12.49
CA CYS A 499 -40.82 -4.58 -11.49
C CYS A 499 -41.15 -3.90 -10.16
N ARG A 500 -41.67 -4.67 -9.22
CA ARG A 500 -42.17 -4.10 -7.96
C ARG A 500 -41.05 -3.43 -7.16
N SER A 501 -41.46 -2.48 -6.33
CA SER A 501 -40.58 -1.79 -5.40
C SER A 501 -41.19 -1.89 -4.00
N HIS A 502 -40.43 -1.42 -3.01
CA HIS A 502 -40.87 -1.44 -1.62
C HIS A 502 -40.88 -0.01 -1.07
N GLY A 503 -41.96 0.34 -0.39
CA GLY A 503 -42.15 1.67 0.16
C GLY A 503 -42.96 2.61 -0.71
N ALA A 504 -43.09 2.32 -2.00
CA ALA A 504 -43.89 3.15 -2.89
C ALA A 504 -45.22 2.48 -3.24
N PRO A 505 -45.25 1.18 -3.63
CA PRO A 505 -46.54 0.54 -3.87
C PRO A 505 -47.01 -0.31 -2.70
N ARG A 506 -48.33 -0.45 -2.57
CA ARG A 506 -48.93 -1.25 -1.50
C ARG A 506 -49.68 -2.42 -2.14
N TRP A 507 -49.39 -3.63 -1.67
CA TRP A 507 -50.03 -4.81 -2.21
C TRP A 507 -51.43 -4.98 -1.64
N LEU A 508 -52.38 -5.29 -2.51
CA LEU A 508 -53.76 -5.51 -2.07
C LEU A 508 -53.87 -6.75 -1.18
N GLU A 509 -53.05 -7.76 -1.44
CA GLU A 509 -53.02 -8.97 -0.62
C GLU A 509 -51.66 -9.63 -0.80
N GLU A 510 -51.43 -10.67 0.01
CA GLU A 510 -50.15 -11.36 -0.04
C GLU A 510 -49.97 -12.08 -1.36
N ASN A 511 -48.79 -11.93 -1.97
CA ASN A 511 -48.50 -12.53 -3.26
C ASN A 511 -47.18 -13.29 -3.22
N TYR A 512 -46.73 -13.77 -4.38
CA TYR A 512 -45.47 -14.50 -4.49
C TYR A 512 -44.43 -13.62 -5.18
N PHE A 513 -43.26 -13.49 -4.56
CA PHE A 513 -42.17 -12.72 -5.11
C PHE A 513 -40.87 -13.50 -4.94
N TYR A 514 -40.15 -13.70 -6.04
CA TYR A 514 -38.91 -14.46 -6.04
C TYR A 514 -37.71 -13.51 -6.01
N GLN A 515 -36.76 -13.79 -5.13
CA GLN A 515 -35.57 -12.97 -4.95
C GLN A 515 -34.36 -13.87 -4.70
N ASN A 516 -33.18 -13.37 -5.09
CA ASN A 516 -31.94 -14.13 -4.97
C ASN A 516 -30.91 -13.25 -4.26
N VAL A 517 -31.09 -13.04 -2.96
CA VAL A 517 -30.10 -12.34 -2.15
C VAL A 517 -29.12 -13.38 -1.62
N ALA A 518 -28.26 -13.89 -2.52
CA ALA A 518 -27.30 -14.94 -2.19
C ALA A 518 -28.01 -16.15 -1.57
N THR A 519 -29.19 -16.48 -2.11
CA THR A 519 -29.97 -17.61 -1.62
C THR A 519 -29.69 -18.91 -2.37
N GLY A 520 -28.97 -18.84 -3.49
CA GLY A 520 -28.64 -20.03 -4.25
C GLY A 520 -29.73 -20.43 -5.22
N GLN A 521 -30.14 -19.49 -6.07
CA GLN A 521 -31.13 -19.75 -7.11
C GLN A 521 -30.44 -19.71 -8.47
N HIS A 522 -30.64 -20.78 -9.25
CA HIS A 522 -29.93 -20.90 -10.52
C HIS A 522 -30.50 -19.95 -11.58
N ALA A 523 -31.81 -20.03 -11.81
CA ALA A 523 -32.43 -19.21 -12.85
C ALA A 523 -33.90 -19.04 -12.53
N ALA A 524 -34.52 -18.05 -13.18
CA ALA A 524 -35.93 -17.74 -12.95
C ALA A 524 -36.61 -17.25 -14.23
N CYS A 525 -36.06 -16.21 -14.86
CA CYS A 525 -36.68 -15.69 -16.08
C CYS A 525 -36.51 -16.64 -17.26
N PRO A 526 -35.32 -17.17 -17.57
CA PRO A 526 -35.25 -18.09 -18.71
C PRO A 526 -35.98 -19.41 -18.46
N GLY B 5 0.00 -11.63 -30.59
CA GLY B 5 1.17 -10.84 -30.27
C GLY B 5 2.30 -10.99 -31.26
N PRO B 6 3.50 -11.27 -30.77
CA PRO B 6 4.66 -11.42 -31.67
C PRO B 6 4.88 -12.86 -32.09
N GLU B 7 5.36 -13.00 -33.33
CA GLU B 7 5.67 -14.32 -33.87
C GLU B 7 6.85 -14.93 -33.12
N ASP B 8 6.75 -16.23 -32.83
CA ASP B 8 7.80 -16.94 -32.11
C ASP B 8 8.96 -17.17 -33.06
N VAL B 9 10.01 -16.35 -32.92
CA VAL B 9 11.21 -16.50 -33.74
C VAL B 9 11.89 -17.83 -33.43
N LEU B 10 12.09 -18.11 -32.15
CA LEU B 10 12.66 -19.37 -31.69
C LEU B 10 11.75 -19.96 -30.63
N LYS B 11 11.45 -21.25 -30.76
CA LYS B 11 10.64 -21.98 -29.79
C LYS B 11 11.49 -23.08 -29.17
N PHE B 12 11.30 -23.30 -27.86
CA PHE B 12 12.02 -24.36 -27.17
C PHE B 12 11.14 -24.85 -26.03
N VAL B 13 10.39 -25.92 -26.28
CA VAL B 13 9.65 -26.59 -25.21
C VAL B 13 10.44 -27.83 -24.81
N GLY B 14 11.41 -27.65 -23.92
CA GLY B 14 12.28 -28.78 -23.57
C GLY B 14 11.57 -29.79 -22.68
N ASN B 15 10.86 -29.32 -21.65
CA ASN B 15 10.28 -30.19 -20.66
C ASN B 15 8.91 -29.67 -20.24
N GLU B 16 8.03 -30.60 -19.87
CA GLU B 16 6.70 -30.23 -19.40
C GLU B 16 6.71 -29.82 -17.93
N SER B 17 7.42 -30.56 -17.08
CA SER B 17 7.35 -30.35 -15.64
C SER B 17 8.70 -30.14 -14.97
N VAL B 18 9.80 -30.10 -15.73
CA VAL B 18 11.12 -29.94 -15.12
C VAL B 18 11.33 -28.54 -14.57
N VAL B 19 10.61 -27.55 -15.11
CA VAL B 19 10.60 -26.15 -14.67
C VAL B 19 12.04 -25.62 -14.51
N ASP B 20 12.73 -25.46 -15.64
CA ASP B 20 14.07 -24.89 -15.64
C ASP B 20 14.07 -23.48 -15.07
N HIS B 21 15.11 -23.16 -14.31
CA HIS B 21 15.23 -21.83 -13.72
C HIS B 21 16.62 -21.23 -13.87
N PHE B 22 17.64 -22.07 -13.88
CA PHE B 22 19.03 -21.64 -13.88
C PHE B 22 19.60 -21.62 -15.30
N LYS B 23 20.60 -20.76 -15.51
CA LYS B 23 21.26 -20.65 -16.80
C LYS B 23 22.60 -19.96 -16.64
N LEU B 24 23.53 -20.31 -17.52
CA LEU B 24 24.86 -19.72 -17.57
C LEU B 24 25.22 -19.39 -19.00
N VAL B 25 25.64 -18.15 -19.24
CA VAL B 25 25.99 -17.67 -20.58
C VAL B 25 27.50 -17.49 -20.65
N THR B 26 28.13 -18.23 -21.55
CA THR B 26 29.54 -18.08 -21.87
C THR B 26 29.65 -17.74 -23.35
N LYS B 27 30.05 -16.51 -23.67
CA LYS B 27 30.09 -16.08 -25.06
C LYS B 27 31.30 -16.63 -25.80
N ASP B 28 32.43 -16.79 -25.11
CA ASP B 28 33.62 -17.36 -25.75
C ASP B 28 33.42 -18.84 -26.04
N GLY B 29 32.91 -19.60 -25.07
CA GLY B 29 32.56 -20.99 -25.32
C GLY B 29 31.34 -21.16 -26.18
N ASN B 30 30.49 -20.13 -26.28
CA ASN B 30 29.30 -20.13 -27.13
C ASN B 30 28.38 -21.31 -26.79
N SER B 31 28.00 -21.37 -25.51
CA SER B 31 27.09 -22.40 -25.05
C SER B 31 26.31 -21.88 -23.85
N LEU B 32 25.06 -22.31 -23.75
CA LEU B 32 24.14 -21.88 -22.70
C LEU B 32 23.77 -23.09 -21.86
N LEU B 33 24.28 -23.14 -20.64
CA LEU B 33 23.97 -24.23 -19.70
C LEU B 33 22.76 -23.80 -18.88
N ILE B 34 21.58 -24.26 -19.28
CA ILE B 34 20.35 -23.93 -18.56
C ILE B 34 20.11 -24.98 -17.49
N GLY B 35 20.16 -24.55 -16.23
CA GLY B 35 19.92 -25.47 -15.13
C GLY B 35 18.47 -25.86 -15.03
N ALA B 36 18.23 -27.02 -14.40
CA ALA B 36 16.90 -27.59 -14.40
C ALA B 36 16.78 -28.61 -13.28
N ARG B 37 15.54 -29.00 -13.00
CA ARG B 37 15.23 -30.02 -12.01
C ARG B 37 15.34 -31.41 -12.64
N ASN B 38 16.20 -32.25 -12.07
CA ASN B 38 16.38 -33.64 -12.49
C ASN B 38 17.01 -33.74 -13.87
N THR B 39 17.48 -32.63 -14.43
CA THR B 39 18.10 -32.59 -15.75
C THR B 39 18.95 -31.34 -15.86
N VAL B 40 19.85 -31.34 -16.84
CA VAL B 40 20.65 -30.16 -17.16
C VAL B 40 20.94 -30.21 -18.66
N PHE B 41 20.86 -29.04 -19.29
CA PHE B 41 21.02 -28.94 -20.74
C PHE B 41 22.15 -27.99 -21.07
N ASN B 42 22.92 -28.33 -22.10
CA ASN B 42 23.98 -27.48 -22.64
C ASN B 42 23.66 -27.27 -24.12
N LEU B 43 23.27 -26.05 -24.46
CA LEU B 43 22.79 -25.70 -25.79
C LEU B 43 23.76 -24.77 -26.51
N SER B 44 23.44 -24.52 -27.78
CA SER B 44 24.10 -23.50 -28.58
C SER B 44 23.25 -22.23 -28.55
N ILE B 45 23.91 -21.08 -28.38
CA ILE B 45 23.19 -19.82 -28.29
C ILE B 45 22.56 -19.42 -29.62
N HIS B 46 23.00 -20.02 -30.73
CA HIS B 46 22.53 -19.61 -32.05
C HIS B 46 21.10 -20.07 -32.30
N ASP B 47 20.84 -21.38 -32.13
CA ASP B 47 19.55 -21.96 -32.51
C ASP B 47 18.95 -22.84 -31.42
N LEU B 48 19.48 -22.79 -30.20
CA LEU B 48 18.95 -23.55 -29.07
C LEU B 48 18.93 -25.05 -29.37
N VAL B 49 20.08 -25.57 -29.76
CA VAL B 49 20.26 -27.00 -30.05
C VAL B 49 21.14 -27.59 -28.96
N GLU B 50 20.61 -28.60 -28.26
CA GLU B 50 21.33 -29.21 -27.15
C GLU B 50 22.52 -30.00 -27.65
N GLN B 51 23.70 -29.69 -27.12
CA GLN B 51 24.91 -30.40 -27.50
C GLN B 51 25.04 -31.71 -26.73
N GLN B 52 24.95 -31.65 -25.40
CA GLN B 52 24.96 -32.84 -24.57
C GLN B 52 24.00 -32.66 -23.41
N ARG B 53 23.61 -33.78 -22.81
CA ARG B 53 22.67 -33.78 -21.69
C ARG B 53 23.17 -34.69 -20.59
N LEU B 54 23.26 -34.16 -19.37
CA LEU B 54 23.59 -34.92 -18.18
C LEU B 54 22.32 -35.10 -17.37
N VAL B 55 21.88 -36.34 -17.18
CA VAL B 55 20.66 -36.65 -16.45
C VAL B 55 21.06 -37.23 -15.10
N TRP B 56 20.57 -36.61 -14.03
CA TRP B 56 20.95 -36.95 -12.67
C TRP B 56 19.70 -37.45 -11.94
N THR B 57 19.58 -38.77 -11.80
CA THR B 57 18.41 -39.38 -11.14
C THR B 57 18.74 -39.55 -9.67
N SER B 58 18.06 -38.78 -8.82
CA SER B 58 18.23 -38.86 -7.38
C SER B 58 18.19 -40.31 -6.91
N PRO B 59 19.14 -40.75 -6.08
CA PRO B 59 19.19 -42.15 -5.66
C PRO B 59 17.92 -42.59 -4.94
N GLU B 60 17.73 -43.92 -4.88
CA GLU B 60 16.52 -44.48 -4.28
C GLU B 60 16.49 -44.24 -2.77
N ASP B 61 17.64 -44.38 -2.10
CA ASP B 61 17.68 -44.16 -0.66
C ASP B 61 17.41 -42.70 -0.31
N ASP B 62 17.81 -41.78 -1.19
CA ASP B 62 17.56 -40.36 -0.92
C ASP B 62 16.08 -40.02 -1.10
N THR B 63 15.46 -40.53 -2.17
CA THR B 63 14.06 -40.21 -2.44
C THR B 63 13.12 -40.88 -1.44
N LYS B 64 13.49 -42.06 -0.93
CA LYS B 64 12.59 -42.76 -0.02
C LYS B 64 12.50 -42.07 1.34
N MET B 65 13.54 -41.32 1.73
CA MET B 65 13.46 -40.58 2.98
C MET B 65 12.49 -39.40 2.87
N CYS B 66 12.28 -38.89 1.66
CA CYS B 66 11.38 -37.75 1.44
C CYS B 66 9.99 -38.27 1.13
N LEU B 67 9.10 -38.19 2.11
CA LEU B 67 7.71 -38.62 1.97
C LEU B 67 6.79 -37.57 2.58
N VAL B 68 6.82 -36.37 2.01
CA VAL B 68 5.93 -35.31 2.45
C VAL B 68 4.57 -35.51 1.77
N LYS B 69 3.54 -35.78 2.56
CA LYS B 69 2.25 -36.14 2.00
C LYS B 69 1.53 -34.96 1.36
N GLY B 70 1.97 -33.74 1.60
CA GLY B 70 1.31 -32.58 1.05
C GLY B 70 1.46 -32.47 -0.45
N LYS B 71 2.68 -32.23 -0.93
CA LYS B 71 2.93 -32.01 -2.34
C LYS B 71 4.39 -32.29 -2.69
N ASP B 72 4.76 -33.56 -2.76
CA ASP B 72 6.15 -33.94 -2.98
C ASP B 72 6.38 -34.82 -4.21
N GLU B 73 5.37 -35.55 -4.68
CA GLU B 73 5.58 -36.46 -5.80
C GLU B 73 6.04 -35.70 -7.03
N GLU B 74 5.50 -34.50 -7.25
CA GLU B 74 5.96 -33.65 -8.34
C GLU B 74 7.28 -32.96 -8.01
N ALA B 75 7.54 -32.71 -6.72
CA ALA B 75 8.73 -32.00 -6.28
C ALA B 75 9.70 -32.96 -5.58
N CYS B 76 10.39 -32.46 -4.56
CA CYS B 76 11.38 -33.20 -3.76
C CYS B 76 12.23 -34.13 -4.62
N GLN B 77 12.92 -33.53 -5.57
CA GLN B 77 13.83 -34.27 -6.43
C GLN B 77 15.15 -33.53 -6.57
N ASN B 78 15.83 -33.71 -7.70
CA ASN B 78 17.13 -33.09 -7.93
C ASN B 78 16.92 -31.72 -8.57
N TYR B 79 17.11 -30.66 -7.80
CA TYR B 79 16.99 -29.29 -8.26
C TYR B 79 18.39 -28.68 -8.36
N ILE B 80 18.96 -28.70 -9.56
CA ILE B 80 20.28 -28.12 -9.79
C ILE B 80 20.15 -26.61 -9.71
N ARG B 81 20.72 -26.01 -8.66
CA ARG B 81 20.55 -24.59 -8.39
C ARG B 81 21.79 -23.75 -8.65
N ILE B 82 22.98 -24.24 -8.29
CA ILE B 82 24.20 -23.47 -8.44
C ILE B 82 25.14 -24.18 -9.40
N MET B 83 25.91 -23.39 -10.15
CA MET B 83 26.91 -23.91 -11.08
C MET B 83 27.87 -22.81 -11.52
N VAL B 84 29.17 -23.08 -11.43
CA VAL B 84 30.20 -22.16 -11.89
C VAL B 84 31.29 -22.96 -12.60
N VAL B 85 32.15 -22.25 -13.33
CA VAL B 85 33.28 -22.88 -14.02
C VAL B 85 34.58 -22.57 -13.28
N PRO B 86 35.13 -23.52 -12.53
CA PRO B 86 36.39 -23.28 -11.83
C PRO B 86 37.55 -23.07 -12.80
N SER B 87 38.67 -22.64 -12.24
CA SER B 87 39.86 -22.40 -13.06
C SER B 87 40.40 -23.64 -13.76
N PRO B 88 40.40 -24.85 -13.16
CA PRO B 88 40.86 -26.02 -13.92
C PRO B 88 39.97 -26.40 -15.09
N GLY B 89 38.80 -25.77 -15.23
CA GLY B 89 37.87 -26.14 -16.28
C GLY B 89 36.86 -27.20 -15.89
N ARG B 90 36.83 -27.60 -14.63
CA ARG B 90 35.91 -28.63 -14.18
C ARG B 90 34.47 -28.13 -14.24
N LEU B 91 33.54 -29.05 -14.03
CA LEU B 91 32.12 -28.73 -13.91
C LEU B 91 31.70 -28.87 -12.47
N PHE B 92 31.04 -27.85 -11.93
CA PHE B 92 30.69 -27.77 -10.52
C PHE B 92 29.19 -27.47 -10.43
N VAL B 93 28.38 -28.51 -10.40
CA VAL B 93 26.93 -28.38 -10.29
C VAL B 93 26.50 -29.05 -8.98
N CYS B 94 25.52 -28.45 -8.32
CA CYS B 94 24.98 -28.98 -7.07
C CYS B 94 23.46 -28.95 -7.14
N GLY B 95 22.84 -30.08 -6.80
CA GLY B 95 21.39 -30.15 -6.79
C GLY B 95 20.83 -30.42 -5.41
N THR B 96 19.54 -30.16 -5.21
CA THR B 96 18.93 -30.41 -3.91
C THR B 96 18.87 -31.89 -3.60
N ASN B 97 18.60 -32.72 -4.62
CA ASN B 97 18.64 -34.18 -4.49
C ASN B 97 17.72 -34.67 -3.38
N SER B 98 16.46 -34.23 -3.42
CA SER B 98 15.44 -34.62 -2.46
C SER B 98 15.88 -34.33 -1.02
N PHE B 99 16.13 -33.04 -0.77
CA PHE B 99 16.55 -32.53 0.54
C PHE B 99 17.87 -33.15 1.01
N ARG B 100 18.70 -33.61 0.09
CA ARG B 100 20.03 -34.12 0.40
C ARG B 100 21.02 -33.45 -0.53
N PRO B 101 21.31 -32.16 -0.31
CA PRO B 101 22.15 -31.42 -1.25
C PRO B 101 23.62 -31.81 -1.13
N MET B 102 24.14 -32.46 -2.17
CA MET B 102 25.54 -32.87 -2.22
C MET B 102 26.13 -32.39 -3.54
N CYS B 103 27.17 -31.57 -3.45
CA CYS B 103 27.80 -31.03 -4.64
C CYS B 103 28.59 -32.10 -5.39
N ASN B 104 28.50 -32.07 -6.71
CA ASN B 104 29.19 -33.02 -7.58
C ASN B 104 30.19 -32.26 -8.45
N THR B 105 31.47 -32.51 -8.22
CA THR B 105 32.54 -31.89 -8.99
C THR B 105 32.89 -32.79 -10.18
N TYR B 106 33.06 -32.17 -11.34
CA TYR B 106 33.45 -32.93 -12.53
C TYR B 106 34.79 -32.46 -13.05
N ASN B 112 30.53 -33.58 -19.35
CA ASN B 112 31.09 -34.92 -19.25
C ASN B 112 30.64 -35.60 -17.96
N TYR B 113 30.54 -36.93 -17.99
CA TYR B 113 30.15 -37.71 -16.82
C TYR B 113 31.33 -38.07 -15.93
N THR B 114 32.48 -37.43 -16.10
CA THR B 114 33.66 -37.74 -15.30
C THR B 114 33.50 -37.13 -13.91
N LEU B 115 33.14 -37.96 -12.94
CA LEU B 115 32.97 -37.53 -11.56
C LEU B 115 34.33 -37.57 -10.87
N GLU B 116 34.97 -36.41 -10.75
CA GLU B 116 36.27 -36.35 -10.08
C GLU B 116 36.10 -36.56 -8.58
N ALA B 117 35.18 -35.82 -7.97
CA ALA B 117 34.92 -35.96 -6.53
C ALA B 117 33.51 -35.48 -6.24
N THR B 118 32.97 -35.95 -5.12
CA THR B 118 31.66 -35.53 -4.64
C THR B 118 31.79 -35.19 -3.15
N LYS B 119 31.36 -34.00 -2.79
CA LYS B 119 31.47 -33.53 -1.42
C LYS B 119 30.13 -32.96 -0.97
N ASN B 120 29.92 -32.96 0.35
CA ASN B 120 28.66 -32.50 0.91
C ASN B 120 28.40 -31.04 0.56
N GLY B 121 27.17 -30.76 0.12
CA GLY B 121 26.79 -29.43 -0.31
C GLY B 121 26.06 -28.62 0.74
N GLN B 122 26.37 -28.85 2.01
CA GLN B 122 25.76 -28.08 3.09
C GLN B 122 26.17 -26.62 3.00
N ALA B 123 25.19 -25.74 3.23
CA ALA B 123 25.34 -24.29 3.26
C ALA B 123 25.70 -23.68 1.91
N VAL B 124 25.65 -24.46 0.82
CA VAL B 124 25.79 -23.90 -0.52
C VAL B 124 24.65 -24.27 -1.44
N CYS B 125 23.82 -25.26 -1.12
CA CYS B 125 22.66 -25.62 -1.92
C CYS B 125 21.45 -25.73 -0.99
N PRO B 126 20.33 -25.12 -1.35
CA PRO B 126 19.16 -25.14 -0.45
C PRO B 126 18.53 -26.51 -0.37
N TYR B 127 17.94 -26.79 0.79
CA TYR B 127 17.16 -28.02 0.97
C TYR B 127 15.79 -27.91 0.29
N ASP B 128 15.14 -26.76 0.43
CA ASP B 128 13.86 -26.49 -0.19
C ASP B 128 14.03 -26.11 -1.65
N PRO B 129 13.01 -26.34 -2.49
CA PRO B 129 13.04 -25.85 -3.87
C PRO B 129 12.66 -24.38 -4.02
N ARG B 130 12.48 -23.67 -2.92
CA ARG B 130 12.12 -22.26 -2.97
C ARG B 130 13.28 -21.44 -3.53
N HIS B 131 12.93 -20.37 -4.25
CA HIS B 131 13.92 -19.46 -4.82
C HIS B 131 14.37 -18.51 -3.71
N ASN B 132 15.36 -18.96 -2.92
CA ASN B 132 15.85 -18.15 -1.81
C ASN B 132 17.38 -18.19 -1.70
N SER B 133 18.07 -18.64 -2.74
CA SER B 133 19.52 -18.75 -2.70
C SER B 133 20.12 -18.25 -4.00
N THR B 134 21.35 -17.76 -3.91
CA THR B 134 22.10 -17.33 -5.08
C THR B 134 23.58 -17.62 -4.83
N SER B 135 24.36 -17.62 -5.90
CA SER B 135 25.78 -17.95 -5.81
C SER B 135 26.56 -17.12 -6.81
N VAL B 136 27.84 -16.93 -6.52
CA VAL B 136 28.77 -16.24 -7.41
C VAL B 136 30.16 -16.75 -7.10
N LEU B 137 31.00 -16.84 -8.14
CA LEU B 137 32.32 -17.44 -8.02
C LEU B 137 33.38 -16.36 -7.86
N ALA B 138 34.51 -16.77 -7.28
CA ALA B 138 35.69 -15.91 -7.17
C ALA B 138 36.90 -16.63 -7.75
N ASP B 139 38.09 -16.06 -7.57
CA ASP B 139 39.29 -16.66 -8.15
C ASP B 139 39.65 -17.97 -7.45
N ASN B 140 39.45 -18.04 -6.14
CA ASN B 140 39.85 -19.21 -5.36
C ASN B 140 38.72 -19.84 -4.55
N GLU B 141 37.66 -19.09 -4.22
CA GLU B 141 36.58 -19.59 -3.40
C GLU B 141 35.25 -19.28 -4.05
N LEU B 142 34.21 -19.97 -3.57
CA LEU B 142 32.85 -19.78 -4.05
C LEU B 142 32.01 -19.10 -2.97
N TYR B 143 31.14 -18.19 -3.40
CA TYR B 143 30.26 -17.45 -2.51
C TYR B 143 28.84 -17.95 -2.71
N SER B 144 28.23 -18.45 -1.64
CA SER B 144 26.87 -18.96 -1.70
C SER B 144 26.13 -18.62 -0.41
N GLY B 145 24.88 -18.19 -0.56
CA GLY B 145 24.04 -17.90 0.59
C GLY B 145 22.75 -18.69 0.55
N THR B 146 22.59 -19.61 1.50
CA THR B 146 21.41 -20.47 1.56
C THR B 146 21.26 -20.99 2.97
N VAL B 147 20.18 -21.75 3.21
CA VAL B 147 19.86 -22.34 4.50
C VAL B 147 20.80 -23.51 4.77
N ALA B 148 20.87 -23.97 6.02
CA ALA B 148 21.76 -25.04 6.44
C ALA B 148 21.02 -26.29 6.91
N ASP B 149 19.92 -26.13 7.64
CA ASP B 149 19.21 -27.27 8.22
C ASP B 149 18.11 -27.74 7.26
N PHE B 150 17.44 -28.83 7.65
CA PHE B 150 16.38 -29.41 6.84
C PHE B 150 15.21 -28.44 6.71
N SER B 151 14.74 -27.90 7.84
CA SER B 151 13.64 -26.96 7.81
C SER B 151 14.01 -25.65 7.13
N GLY B 152 15.27 -25.25 7.23
CA GLY B 152 15.73 -24.00 6.66
C GLY B 152 15.79 -22.83 7.62
N SER B 153 15.86 -23.09 8.93
CA SER B 153 15.84 -22.03 9.92
C SER B 153 17.17 -21.31 10.05
N ASP B 154 18.27 -21.91 9.59
CA ASP B 154 19.61 -21.31 9.72
C ASP B 154 20.16 -20.97 8.34
N PRO B 155 19.88 -19.79 7.80
CA PRO B 155 20.47 -19.40 6.51
C PRO B 155 21.73 -18.57 6.68
N ILE B 156 22.85 -19.03 6.12
CA ILE B 156 24.13 -18.36 6.29
C ILE B 156 24.79 -18.20 4.92
N ILE B 157 25.86 -17.41 4.90
CA ILE B 157 26.70 -17.24 3.72
C ILE B 157 27.96 -18.07 3.93
N TYR B 158 28.22 -18.98 3.00
CA TYR B 158 29.31 -19.94 3.13
C TYR B 158 30.36 -19.68 2.06
N ARG B 159 31.47 -19.04 2.46
CA ARG B 159 32.70 -19.08 1.70
C ARG B 159 33.65 -20.00 2.47
N GLU B 160 34.22 -20.97 1.76
CA GLU B 160 34.92 -22.08 2.41
C GLU B 160 36.05 -21.58 3.31
N PRO B 161 36.04 -21.92 4.61
CA PRO B 161 34.92 -22.63 5.23
C PRO B 161 34.16 -21.82 6.29
N LEU B 162 34.05 -20.51 6.11
CA LEU B 162 33.54 -19.66 7.18
C LEU B 162 32.00 -19.71 7.24
N GLN B 163 31.49 -19.52 8.45
CA GLN B 163 30.06 -19.56 8.73
C GLN B 163 29.71 -18.44 9.70
N THR B 164 28.48 -17.94 9.62
CA THR B 164 28.04 -16.89 10.53
C THR B 164 27.65 -17.52 11.86
N GLU B 165 27.26 -16.66 12.82
CA GLU B 165 26.85 -17.15 14.13
C GLU B 165 25.62 -18.03 13.98
N GLN B 166 25.62 -19.15 14.71
CA GLN B 166 24.56 -20.14 14.57
C GLN B 166 23.24 -19.56 15.06
N TYR B 167 22.25 -19.53 14.15
CA TYR B 167 20.92 -18.99 14.46
C TYR B 167 21.00 -17.53 14.91
N ASP B 168 21.65 -16.70 14.10
CA ASP B 168 21.80 -15.28 14.39
C ASP B 168 20.69 -14.50 13.67
N SER B 169 19.74 -13.98 14.45
CA SER B 169 18.68 -13.17 13.89
C SER B 169 19.08 -11.72 13.66
N LEU B 170 20.12 -11.24 14.36
CA LEU B 170 20.58 -9.87 14.17
C LEU B 170 21.21 -9.68 12.79
N SER B 171 21.78 -10.75 12.22
CA SER B 171 22.42 -10.67 10.91
C SER B 171 21.47 -11.05 9.79
N LEU B 172 20.76 -12.17 9.94
CA LEU B 172 19.85 -12.66 8.91
C LEU B 172 18.61 -13.22 9.58
N ASN B 173 17.44 -12.76 9.15
CA ASN B 173 16.16 -13.23 9.69
C ASN B 173 15.19 -13.41 8.53
N ALA B 174 15.00 -14.67 8.13
CA ALA B 174 14.15 -15.05 7.00
C ALA B 174 14.55 -14.29 5.74
N PRO B 175 15.73 -14.51 5.19
CA PRO B 175 16.12 -13.84 3.95
C PRO B 175 15.80 -14.67 2.72
N ASN B 176 15.80 -13.99 1.57
CA ASN B 176 15.62 -14.62 0.27
C ASN B 176 16.68 -14.05 -0.67
N PHE B 177 17.83 -14.72 -0.73
CA PHE B 177 18.94 -14.25 -1.55
C PHE B 177 18.55 -14.25 -3.02
N VAL B 178 18.54 -13.07 -3.63
CA VAL B 178 18.13 -12.92 -5.01
C VAL B 178 19.28 -12.58 -5.95
N SER B 179 20.38 -12.02 -5.44
CA SER B 179 21.49 -11.63 -6.30
C SER B 179 22.79 -11.70 -5.50
N SER B 180 23.90 -11.79 -6.26
CA SER B 180 25.23 -11.82 -5.67
C SER B 180 26.28 -11.58 -6.75
N PHE B 181 27.17 -10.61 -6.52
CA PHE B 181 28.20 -10.28 -7.50
C PHE B 181 29.46 -9.84 -6.77
N THR B 182 30.57 -9.86 -7.51
CA THR B 182 31.90 -9.53 -6.99
C THR B 182 32.44 -8.31 -7.71
N GLN B 183 33.09 -7.42 -6.96
CA GLN B 183 33.73 -6.24 -7.54
C GLN B 183 34.84 -5.77 -6.61
N GLY B 184 36.08 -5.93 -7.06
CA GLY B 184 37.23 -5.45 -6.31
C GLY B 184 37.42 -6.11 -4.96
N ASP B 185 37.52 -7.44 -4.95
CA ASP B 185 37.70 -8.22 -3.72
C ASP B 185 36.59 -7.95 -2.71
N PHE B 186 35.37 -7.71 -3.20
CA PHE B 186 34.22 -7.49 -2.32
C PHE B 186 33.00 -8.09 -3.00
N VAL B 187 32.35 -9.04 -2.32
CA VAL B 187 31.21 -9.75 -2.85
C VAL B 187 29.95 -9.24 -2.15
N TYR B 188 29.05 -8.65 -2.93
CA TYR B 188 27.80 -8.11 -2.42
C TYR B 188 26.67 -9.12 -2.59
N PHE B 189 25.67 -9.03 -1.70
CA PHE B 189 24.53 -9.94 -1.70
C PHE B 189 23.24 -9.15 -1.58
N PHE B 190 22.20 -9.62 -2.25
CA PHE B 190 20.88 -8.99 -2.23
C PHE B 190 19.86 -9.99 -1.72
N PHE B 191 19.15 -9.62 -0.67
CA PHE B 191 18.16 -10.49 -0.05
C PHE B 191 17.13 -9.62 0.67
N ARG B 192 15.98 -10.21 0.97
CA ARG B 192 14.92 -9.52 1.69
C ARG B 192 14.67 -10.26 3.01
N GLU B 193 15.16 -9.69 4.10
CA GLU B 193 14.99 -10.25 5.44
C GLU B 193 14.08 -9.36 6.26
N THR B 194 13.52 -9.95 7.33
CA THR B 194 12.65 -9.21 8.23
C THR B 194 13.50 -8.41 9.22
N ALA B 195 13.22 -7.12 9.32
CA ALA B 195 14.01 -6.22 10.16
C ALA B 195 13.60 -6.42 11.62
N VAL B 196 14.56 -6.76 12.47
CA VAL B 196 14.26 -7.06 13.87
C VAL B 196 13.75 -5.82 14.60
N GLU B 197 14.28 -4.64 14.25
CA GLU B 197 13.84 -3.44 14.94
C GLU B 197 12.43 -3.06 14.53
N PHE B 198 12.07 -3.28 13.26
CA PHE B 198 10.72 -2.99 12.83
C PHE B 198 9.74 -4.08 13.27
N ILE B 199 10.23 -5.31 13.49
CA ILE B 199 9.37 -6.37 14.00
C ILE B 199 8.79 -5.96 15.35
N ASN B 200 9.55 -5.19 16.14
CA ASN B 200 9.01 -4.60 17.35
C ASN B 200 7.78 -3.74 17.02
N CYS B 201 7.82 -3.05 15.88
CA CYS B 201 6.68 -2.25 15.45
C CYS B 201 5.64 -3.10 14.72
N GLY B 202 6.08 -3.89 13.75
CA GLY B 202 5.17 -4.76 13.02
C GLY B 202 5.94 -5.66 12.09
N LYS B 203 5.21 -6.57 11.46
CA LYS B 203 5.81 -7.55 10.56
C LYS B 203 5.94 -6.93 9.16
N ALA B 204 7.18 -6.73 8.73
CA ALA B 204 7.48 -6.19 7.42
C ALA B 204 8.88 -6.63 7.01
N ILE B 205 9.14 -6.59 5.70
CA ILE B 205 10.41 -7.03 5.14
C ILE B 205 11.07 -5.83 4.47
N TYR B 206 12.31 -5.55 4.84
CA TYR B 206 13.07 -4.46 4.25
C TYR B 206 14.29 -5.02 3.53
N SER B 207 14.46 -4.64 2.27
CA SER B 207 15.56 -5.11 1.46
C SER B 207 16.89 -4.59 2.00
N ARG B 208 17.80 -5.49 2.35
CA ARG B 208 19.08 -5.14 2.93
C ARG B 208 20.20 -5.77 2.13
N VAL B 209 21.16 -4.96 1.70
CA VAL B 209 22.32 -5.43 0.96
C VAL B 209 23.47 -5.66 1.94
N ALA B 210 24.31 -6.64 1.63
CA ALA B 210 25.45 -6.98 2.46
C ALA B 210 26.70 -7.11 1.60
N ARG B 211 27.86 -7.11 2.25
CA ARG B 211 29.12 -7.28 1.56
C ARG B 211 30.12 -7.95 2.49
N VAL B 212 31.08 -8.66 1.91
CA VAL B 212 32.15 -9.33 2.64
C VAL B 212 33.44 -9.22 1.85
N CYS B 213 34.56 -9.16 2.57
CA CYS B 213 35.86 -9.06 1.94
C CYS B 213 36.24 -10.39 1.26
N LYS B 214 37.33 -10.33 0.50
CA LYS B 214 37.80 -11.49 -0.27
C LYS B 214 38.47 -12.53 0.62
N TRP B 215 39.42 -12.11 1.45
CA TRP B 215 40.23 -13.02 2.25
C TRP B 215 39.97 -12.75 3.74
N ASP B 216 39.02 -13.49 4.30
CA ASP B 216 38.76 -13.49 5.74
C ASP B 216 39.00 -14.91 6.25
N LYS B 217 40.18 -15.14 6.84
CA LYS B 217 40.51 -16.49 7.30
C LYS B 217 39.71 -16.88 8.54
N GLY B 218 39.43 -15.93 9.41
CA GLY B 218 38.67 -16.23 10.62
C GLY B 218 38.92 -15.18 11.68
N GLY B 219 38.82 -15.60 12.93
CA GLY B 219 39.02 -14.71 14.05
C GLY B 219 39.65 -15.42 15.24
N PRO B 220 40.45 -14.68 16.02
CA PRO B 220 41.09 -15.26 17.19
C PRO B 220 40.14 -15.36 18.37
N HIS B 221 40.50 -16.24 19.31
CA HIS B 221 39.77 -16.43 20.57
C HIS B 221 38.31 -16.82 20.31
N ARG B 222 38.15 -18.03 19.78
CA ARG B 222 36.88 -18.70 19.49
C ARG B 222 36.08 -18.01 18.38
N PHE B 223 36.62 -16.96 17.76
CA PHE B 223 35.98 -16.34 16.61
C PHE B 223 36.39 -16.99 15.29
N ARG B 224 37.09 -18.13 15.34
CA ARG B 224 37.53 -18.79 14.12
C ARG B 224 36.35 -19.25 13.26
N ASN B 225 35.24 -19.62 13.90
CA ASN B 225 34.06 -20.02 13.13
C ASN B 225 33.37 -18.81 12.52
N ARG B 226 33.33 -17.70 13.24
CA ARG B 226 32.52 -16.56 12.88
C ARG B 226 33.20 -15.68 11.84
N TRP B 227 32.39 -14.82 11.21
CA TRP B 227 32.89 -13.81 10.28
C TRP B 227 33.26 -12.54 11.04
N THR B 228 34.28 -11.84 10.52
CA THR B 228 34.77 -10.62 11.15
C THR B 228 34.33 -9.35 10.44
N SER B 229 34.26 -9.37 9.10
CA SER B 229 33.99 -8.17 8.32
C SER B 229 32.58 -8.14 7.73
N PHE B 230 31.64 -8.88 8.33
CA PHE B 230 30.27 -8.90 7.81
C PHE B 230 29.56 -7.59 8.12
N LEU B 231 29.01 -6.97 7.09
CA LEU B 231 28.28 -5.70 7.23
C LEU B 231 27.07 -5.73 6.31
N LYS B 232 26.07 -4.91 6.66
CA LYS B 232 24.85 -4.82 5.85
C LYS B 232 24.19 -3.48 6.10
N SER B 233 23.33 -3.09 5.15
CA SER B 233 22.60 -1.82 5.24
C SER B 233 21.32 -1.94 4.43
N ARG B 234 20.33 -1.14 4.82
CA ARG B 234 19.01 -1.20 4.19
C ARG B 234 19.05 -0.53 2.80
N LEU B 235 18.13 -0.95 1.95
CA LEU B 235 17.94 -0.38 0.62
C LEU B 235 16.66 0.45 0.61
N ASN B 236 16.78 1.73 0.29
CA ASN B 236 15.65 2.65 0.23
C ASN B 236 15.15 2.70 -1.21
N CYS B 237 14.02 2.06 -1.47
CA CYS B 237 13.37 2.05 -2.78
C CYS B 237 11.98 2.66 -2.57
N SER B 238 11.91 3.98 -2.64
CA SER B 238 10.68 4.71 -2.32
C SER B 238 10.39 5.73 -3.40
N ILE B 239 9.12 6.15 -3.45
CA ILE B 239 8.69 7.23 -4.34
C ILE B 239 8.77 8.54 -3.56
N PRO B 240 9.79 9.35 -3.79
CA PRO B 240 10.01 10.53 -2.95
C PRO B 240 8.99 11.62 -3.19
N GLY B 241 8.88 12.51 -2.22
CA GLY B 241 7.96 13.63 -2.27
C GLY B 241 7.77 14.21 -0.87
N ASP B 242 6.56 14.71 -0.64
CA ASP B 242 6.22 15.21 0.69
C ASP B 242 6.13 14.07 1.69
N TYR B 243 5.63 12.91 1.25
CA TYR B 243 5.56 11.71 2.08
C TYR B 243 6.18 10.55 1.32
N PRO B 244 7.13 9.84 1.92
CA PRO B 244 7.77 8.72 1.22
C PRO B 244 6.89 7.47 1.22
N PHE B 245 6.82 6.82 0.06
CA PHE B 245 6.08 5.56 -0.11
C PHE B 245 7.08 4.48 -0.49
N TYR B 246 7.26 3.51 0.40
CA TYR B 246 8.33 2.52 0.25
C TYR B 246 7.83 1.27 -0.46
N PHE B 247 8.81 0.51 -0.98
CA PHE B 247 8.57 -0.80 -1.56
C PHE B 247 9.39 -1.80 -0.77
N ASN B 248 8.70 -2.73 -0.10
CA ASN B 248 9.35 -3.53 0.93
C ASN B 248 10.16 -4.69 0.36
N GLU B 249 9.55 -5.49 -0.52
CA GLU B 249 10.15 -6.73 -0.97
C GLU B 249 10.91 -6.55 -2.27
N ILE B 250 11.93 -7.38 -2.46
CA ILE B 250 12.78 -7.38 -3.65
C ILE B 250 12.70 -8.75 -4.30
N GLN B 251 12.59 -8.77 -5.63
CA GLN B 251 12.44 -10.02 -6.37
C GLN B 251 13.67 -10.42 -7.17
N SER B 252 14.43 -9.46 -7.69
CA SER B 252 15.65 -9.77 -8.44
C SER B 252 16.51 -8.53 -8.50
N ALA B 253 17.73 -8.71 -9.03
CA ALA B 253 18.68 -7.61 -9.19
C ALA B 253 19.65 -7.97 -10.29
N SER B 254 19.90 -7.03 -11.19
CA SER B 254 20.75 -7.27 -12.35
C SER B 254 22.22 -7.11 -11.98
N ASN B 255 23.09 -7.39 -12.94
CA ASN B 255 24.52 -7.25 -12.75
C ASN B 255 24.93 -5.77 -12.84
N LEU B 256 26.16 -5.50 -12.42
CA LEU B 256 26.68 -4.14 -12.46
C LEU B 256 26.84 -3.66 -13.89
N VAL B 257 26.71 -2.34 -14.07
CA VAL B 257 26.78 -1.70 -15.38
C VAL B 257 27.92 -0.69 -15.36
N GLU B 258 28.83 -0.79 -16.32
CA GLU B 258 29.95 0.13 -16.46
C GLU B 258 29.85 0.84 -17.81
N GLY B 259 30.02 2.16 -17.79
CA GLY B 259 29.91 2.93 -19.01
C GLY B 259 31.16 3.69 -19.39
N GLN B 260 31.76 3.32 -20.52
CA GLN B 260 32.94 3.98 -21.09
C GLN B 260 34.07 3.90 -20.05
N TYR B 261 34.72 5.01 -19.71
CA TYR B 261 35.88 4.98 -18.84
C TYR B 261 35.45 5.03 -17.37
N GLY B 262 36.40 4.75 -16.49
CA GLY B 262 36.14 4.74 -15.05
C GLY B 262 35.95 6.10 -14.43
N SER B 263 36.33 7.18 -15.13
CA SER B 263 36.16 8.52 -14.58
C SER B 263 34.71 8.84 -14.28
N MET B 264 33.79 8.29 -15.07
CA MET B 264 32.36 8.46 -14.79
C MET B 264 31.97 7.65 -13.57
N SER B 265 31.02 8.18 -12.80
CA SER B 265 30.53 7.53 -11.59
C SER B 265 29.30 6.67 -11.84
N SER B 266 28.98 6.38 -13.10
CA SER B 266 27.77 5.62 -13.43
C SER B 266 28.05 4.12 -13.37
N LYS B 267 28.21 3.62 -12.15
CA LYS B 267 28.23 2.19 -11.87
C LYS B 267 26.96 1.86 -11.07
N LEU B 268 25.98 1.27 -11.75
CA LEU B 268 24.63 1.10 -11.22
C LEU B 268 24.16 -0.35 -11.31
N ILE B 269 23.51 -0.80 -10.25
CA ILE B 269 22.88 -2.11 -10.18
C ILE B 269 21.38 -1.88 -10.14
N TYR B 270 20.65 -2.53 -11.05
CA TYR B 270 19.21 -2.38 -11.17
C TYR B 270 18.53 -3.54 -10.47
N GLY B 271 17.64 -3.24 -9.54
CA GLY B 271 16.94 -4.27 -8.78
C GLY B 271 15.43 -4.13 -8.91
N VAL B 272 14.75 -5.27 -8.97
CA VAL B 272 13.29 -5.30 -9.05
C VAL B 272 12.75 -5.40 -7.63
N PHE B 273 11.90 -4.46 -7.27
CA PHE B 273 11.27 -4.42 -5.96
C PHE B 273 9.75 -4.45 -6.12
N ASN B 274 9.07 -4.83 -5.04
CA ASN B 274 7.62 -4.90 -5.04
C ASN B 274 7.11 -4.74 -3.62
N THR B 275 5.81 -4.78 -3.48
CA THR B 275 4.98 -4.58 -2.30
C THR B 275 4.76 -5.91 -1.59
N PRO B 276 4.64 -5.90 -0.26
CA PRO B 276 4.44 -7.14 0.49
C PRO B 276 3.21 -7.91 0.02
N SER B 277 3.07 -9.12 0.58
CA SER B 277 1.97 -10.01 0.19
C SER B 277 0.62 -9.44 0.60
N ASN B 278 0.54 -8.88 1.81
CA ASN B 278 -0.74 -8.36 2.30
C ASN B 278 -1.21 -7.16 1.48
N SER B 279 -0.29 -6.35 0.98
CA SER B 279 -0.64 -5.15 0.25
C SER B 279 -0.76 -5.44 -1.24
N ILE B 280 -1.03 -4.40 -2.02
CA ILE B 280 -1.44 -4.51 -3.42
C ILE B 280 -0.26 -4.94 -4.29
N PRO B 281 -0.51 -5.51 -5.47
CA PRO B 281 0.60 -6.07 -6.28
C PRO B 281 1.55 -5.05 -6.92
N GLY B 282 1.48 -3.79 -6.51
CA GLY B 282 2.34 -2.76 -7.06
C GLY B 282 3.83 -3.03 -6.93
N SER B 283 4.55 -2.98 -8.05
CA SER B 283 5.99 -3.24 -8.08
C SER B 283 6.75 -2.04 -8.62
N ALA B 284 8.02 -1.94 -8.24
CA ALA B 284 8.86 -0.82 -8.64
C ALA B 284 10.28 -1.30 -8.92
N VAL B 285 10.86 -0.84 -10.02
CA VAL B 285 12.24 -1.13 -10.37
C VAL B 285 13.11 0.01 -9.89
N CYS B 286 13.92 -0.25 -8.86
CA CYS B 286 14.78 0.76 -8.24
C CYS B 286 16.24 0.46 -8.56
N ALA B 287 16.97 1.47 -8.98
CA ALA B 287 18.39 1.35 -9.28
C ALA B 287 19.23 1.78 -8.08
N PHE B 288 20.36 1.10 -7.89
CA PHE B 288 21.25 1.41 -6.77
C PHE B 288 22.69 1.32 -7.26
N ALA B 289 23.50 2.31 -6.91
CA ALA B 289 24.89 2.39 -7.33
C ALA B 289 25.82 1.85 -6.27
N LEU B 290 26.97 1.34 -6.72
CA LEU B 290 28.00 0.90 -5.78
C LEU B 290 28.58 2.08 -5.01
N GLN B 291 28.52 3.29 -5.58
CA GLN B 291 28.93 4.48 -4.85
C GLN B 291 27.93 4.83 -3.76
N ASP B 292 26.62 4.69 -4.07
CA ASP B 292 25.60 4.93 -3.05
C ASP B 292 25.62 3.86 -1.98
N ILE B 293 26.03 2.64 -2.32
CA ILE B 293 26.12 1.57 -1.33
C ILE B 293 27.25 1.86 -0.34
N ALA B 294 28.42 2.27 -0.85
CA ALA B 294 29.57 2.51 0.01
C ALA B 294 29.37 3.72 0.92
N ASP B 295 28.41 4.59 0.60
CA ASP B 295 28.16 5.75 1.45
C ASP B 295 27.54 5.33 2.78
N THR B 296 26.60 4.39 2.75
CA THR B 296 25.95 3.95 3.98
C THR B 296 26.83 3.02 4.79
N PHE B 297 27.66 2.21 4.14
CA PHE B 297 28.55 1.32 4.88
C PHE B 297 29.64 2.10 5.60
N GLU B 298 30.12 3.18 5.00
CA GLU B 298 31.05 4.06 5.70
C GLU B 298 30.36 4.81 6.84
N GLY B 299 29.05 5.01 6.72
CA GLY B 299 28.30 5.63 7.79
C GLY B 299 28.24 4.77 9.04
N GLN B 300 27.69 5.35 10.10
CA GLN B 300 27.66 4.67 11.39
C GLN B 300 26.67 3.50 11.35
N PHE B 301 26.67 2.75 12.45
CA PHE B 301 25.84 1.57 12.59
C PHE B 301 24.54 1.92 13.32
N LYS B 302 23.51 1.11 13.07
CA LYS B 302 22.23 1.32 13.73
C LYS B 302 22.29 0.83 15.17
N GLU B 303 21.67 1.59 16.07
CA GLU B 303 21.70 1.25 17.48
C GLU B 303 20.80 0.06 17.77
N GLN B 304 21.22 -0.77 18.72
CA GLN B 304 20.45 -1.94 19.15
C GLN B 304 20.53 -2.02 20.67
N THR B 305 19.41 -1.79 21.34
CA THR B 305 19.34 -1.80 22.79
C THR B 305 18.51 -3.00 23.25
N GLY B 306 18.43 -3.17 24.57
CA GLY B 306 17.69 -4.26 25.17
C GLY B 306 16.40 -3.81 25.82
N ILE B 307 15.81 -4.73 26.58
CA ILE B 307 14.57 -4.43 27.29
C ILE B 307 14.84 -3.59 28.52
N ASN B 308 15.91 -3.89 29.26
CA ASN B 308 16.27 -3.15 30.45
C ASN B 308 17.23 -1.99 30.13
N SER B 309 18.32 -2.28 29.43
CA SER B 309 19.30 -1.26 29.10
C SER B 309 18.77 -0.33 28.02
N ASN B 310 19.24 0.92 28.06
CA ASN B 310 18.86 1.94 27.10
C ASN B 310 20.11 2.45 26.39
N TRP B 311 20.03 2.58 25.07
CA TRP B 311 21.16 3.00 24.26
C TRP B 311 20.72 4.04 23.23
N LEU B 312 21.61 4.98 22.94
CA LEU B 312 21.44 6.05 21.97
C LEU B 312 22.04 5.64 20.63
N PRO B 313 21.69 6.33 19.54
CA PRO B 313 22.27 6.00 18.24
C PRO B 313 23.78 6.09 18.26
N VAL B 314 24.43 5.10 17.63
CA VAL B 314 25.88 4.97 17.74
C VAL B 314 26.57 6.22 17.21
N ASN B 315 27.70 6.55 17.83
CA ASN B 315 28.47 7.74 17.50
C ASN B 315 29.85 7.34 17.00
N ASN B 316 30.56 8.32 16.43
CA ASN B 316 31.89 8.07 15.86
C ASN B 316 32.92 7.76 16.94
N ALA B 317 32.62 8.06 18.21
CA ALA B 317 33.57 7.76 19.28
C ALA B 317 33.69 6.26 19.52
N LYS B 318 32.64 5.49 19.23
CA LYS B 318 32.66 4.06 19.50
C LYS B 318 33.45 3.26 18.48
N VAL B 319 33.62 3.79 17.26
CA VAL B 319 34.28 3.01 16.21
C VAL B 319 35.74 2.81 16.58
N PRO B 320 36.32 1.64 16.34
CA PRO B 320 37.73 1.42 16.69
C PRO B 320 38.66 1.94 15.60
N ASP B 321 39.95 1.88 15.91
CA ASP B 321 40.96 2.27 14.91
C ASP B 321 40.91 1.38 13.66
N PRO B 322 40.84 0.06 13.76
CA PRO B 322 40.59 -0.73 12.54
C PRO B 322 39.21 -0.46 12.00
N ARG B 323 39.13 -0.29 10.68
CA ARG B 323 37.84 0.02 10.07
C ARG B 323 37.09 -1.26 9.73
N PRO B 324 35.85 -1.42 10.18
CA PRO B 324 35.12 -2.66 9.89
C PRO B 324 34.74 -2.75 8.43
N GLY B 325 34.84 -3.96 7.88
CA GLY B 325 34.48 -4.20 6.50
C GLY B 325 35.54 -3.75 5.52
N SER B 326 36.78 -4.19 5.74
CA SER B 326 37.89 -3.83 4.88
C SER B 326 38.83 -5.03 4.78
N CYS B 327 39.37 -5.25 3.58
CA CYS B 327 40.29 -6.36 3.36
C CYS B 327 41.64 -6.08 3.99
N HIS B 328 42.02 -6.90 4.97
CA HIS B 328 43.31 -6.82 5.62
C HIS B 328 44.20 -7.97 5.15
N ASN B 329 45.50 -7.81 5.37
CA ASN B 329 46.45 -8.87 5.05
C ASN B 329 46.39 -10.01 6.05
N ASP B 330 46.05 -9.71 7.31
CA ASP B 330 45.94 -10.72 8.35
C ASP B 330 44.68 -10.45 9.15
N SER B 331 43.70 -11.35 9.05
CA SER B 331 42.46 -11.23 9.80
C SER B 331 42.57 -11.81 11.20
N ARG B 332 43.46 -12.78 11.41
CA ARG B 332 43.64 -13.36 12.74
C ARG B 332 44.30 -12.38 13.69
N ALA B 333 45.21 -11.55 13.19
CA ALA B 333 45.88 -10.56 14.04
C ALA B 333 44.97 -9.41 14.44
N LEU B 334 43.74 -9.37 13.95
CA LEU B 334 42.83 -8.29 14.31
C LEU B 334 42.41 -8.41 15.77
N PRO B 335 42.30 -7.28 16.48
CA PRO B 335 41.95 -7.34 17.90
C PRO B 335 40.54 -7.88 18.12
N ASP B 336 40.26 -8.21 19.38
CA ASP B 336 38.99 -8.80 19.80
C ASP B 336 37.93 -7.76 20.15
N PRO B 337 38.26 -6.62 20.77
CA PRO B 337 37.21 -5.64 21.09
C PRO B 337 36.35 -5.23 19.91
N THR B 338 36.90 -5.22 18.70
CA THR B 338 36.08 -4.97 17.51
C THR B 338 35.37 -6.23 17.03
N LEU B 339 35.87 -7.41 17.38
CA LEU B 339 35.18 -8.65 17.04
C LEU B 339 33.96 -8.88 17.93
N ASN B 340 34.05 -8.50 19.20
CA ASN B 340 32.88 -8.49 20.07
C ASN B 340 31.91 -7.37 19.70
N PHE B 341 32.37 -6.38 18.95
CA PHE B 341 31.57 -5.22 18.60
C PHE B 341 30.82 -5.41 17.28
N ILE B 342 31.35 -6.20 16.35
CA ILE B 342 30.80 -6.25 15.00
C ILE B 342 29.42 -6.90 15.00
N LYS B 343 29.21 -7.91 15.86
CA LYS B 343 27.94 -8.62 15.87
C LYS B 343 26.80 -7.70 16.27
N THR B 344 26.99 -6.91 17.33
CA THR B 344 25.92 -6.05 17.82
C THR B 344 25.60 -4.93 16.84
N HIS B 345 26.61 -4.37 16.19
CA HIS B 345 26.46 -3.19 15.34
C HIS B 345 26.75 -3.50 13.87
N SER B 346 26.32 -4.67 13.40
CA SER B 346 26.53 -5.02 12.00
C SER B 346 25.72 -4.14 11.07
N LEU B 347 24.45 -3.90 11.42
CA LEU B 347 23.57 -3.12 10.56
C LEU B 347 23.90 -1.63 10.64
N MET B 348 23.76 -0.95 9.50
CA MET B 348 24.05 0.48 9.41
C MET B 348 22.82 1.31 9.77
N ASP B 349 23.06 2.60 10.03
CA ASP B 349 21.98 3.48 10.46
C ASP B 349 21.18 4.00 9.28
N GLU B 350 21.86 4.48 8.24
CA GLU B 350 21.21 5.09 7.09
C GLU B 350 21.12 4.08 5.94
N ASN B 351 20.04 4.22 5.18
CA ASN B 351 19.74 3.38 4.03
C ASN B 351 20.31 3.96 2.74
N VAL B 352 20.51 3.10 1.75
CA VAL B 352 21.03 3.50 0.46
C VAL B 352 19.96 4.26 -0.32
N PRO B 353 20.20 5.51 -0.70
CA PRO B 353 19.20 6.27 -1.47
C PRO B 353 19.07 5.73 -2.88
N ALA B 354 17.87 5.89 -3.44
CA ALA B 354 17.61 5.43 -4.80
C ALA B 354 18.30 6.33 -5.81
N PHE B 355 18.57 5.76 -6.99
CA PHE B 355 19.21 6.52 -8.07
C PHE B 355 18.33 7.68 -8.52
N PHE B 356 18.94 8.87 -8.59
CA PHE B 356 18.26 10.11 -8.97
C PHE B 356 17.07 10.42 -8.07
N SER B 357 17.01 9.78 -6.90
CA SER B 357 15.95 10.02 -5.91
C SER B 357 14.58 9.77 -6.54
N GLN B 358 14.42 8.61 -7.18
CA GLN B 358 13.17 8.14 -7.76
C GLN B 358 13.36 6.75 -8.35
N PRO B 359 12.36 5.86 -8.26
CA PRO B 359 12.46 4.58 -8.94
C PRO B 359 12.55 4.75 -10.45
N ILE B 360 13.05 3.71 -11.11
CA ILE B 360 13.20 3.74 -12.56
C ILE B 360 11.87 3.46 -13.24
N LEU B 361 11.20 2.38 -12.85
CA LEU B 361 9.93 1.99 -13.45
C LEU B 361 8.96 1.58 -12.35
N VAL B 362 7.71 2.01 -12.47
CA VAL B 362 6.67 1.74 -11.48
C VAL B 362 5.43 1.21 -12.18
N ARG B 363 4.82 0.18 -11.60
CA ARG B 363 3.58 -0.39 -12.11
C ARG B 363 2.71 -0.75 -10.92
N THR B 364 1.67 0.05 -10.68
CA THR B 364 0.85 -0.08 -9.48
C THR B 364 -0.57 -0.54 -9.76
N SER B 365 -1.25 0.06 -10.73
CA SER B 365 -2.65 -0.26 -10.97
C SER B 365 -2.82 -1.67 -11.53
N THR B 366 -1.83 -2.18 -12.23
CA THR B 366 -1.95 -3.48 -12.88
C THR B 366 -1.89 -4.60 -11.86
N ILE B 367 -2.45 -5.75 -12.25
CA ILE B 367 -2.49 -6.90 -11.36
C ILE B 367 -1.16 -7.63 -11.31
N TYR B 368 -0.44 -7.67 -12.42
CA TYR B 368 0.81 -8.43 -12.47
C TYR B 368 1.89 -7.77 -11.63
N ARG B 369 2.79 -8.61 -11.13
CA ARG B 369 3.93 -8.17 -10.32
C ARG B 369 5.23 -8.44 -11.07
N PHE B 370 6.21 -7.57 -10.86
CA PHE B 370 7.53 -7.79 -11.45
C PHE B 370 8.19 -9.01 -10.81
N THR B 371 8.87 -9.81 -11.63
CA THR B 371 9.46 -11.05 -11.13
C THR B 371 10.96 -11.15 -11.40
N GLN B 372 11.43 -10.59 -12.52
CA GLN B 372 12.83 -10.68 -12.89
C GLN B 372 13.27 -9.37 -13.54
N ILE B 373 14.53 -9.33 -13.96
CA ILE B 373 15.11 -8.13 -14.55
C ILE B 373 16.27 -8.54 -15.45
N ALA B 374 16.52 -7.75 -16.48
CA ALA B 374 17.63 -7.95 -17.39
C ALA B 374 18.02 -6.60 -17.98
N VAL B 375 19.33 -6.33 -18.02
CA VAL B 375 19.86 -5.05 -18.47
C VAL B 375 20.73 -5.29 -19.69
N ASP B 376 20.51 -4.49 -20.74
CA ASP B 376 21.28 -4.55 -21.96
C ASP B 376 22.36 -3.46 -21.96
N ALA B 377 23.44 -3.71 -22.68
CA ALA B 377 24.54 -2.76 -22.75
C ALA B 377 24.10 -1.47 -23.44
N GLN B 378 24.74 -0.38 -23.06
CA GLN B 378 24.43 0.93 -23.63
C GLN B 378 24.88 0.98 -25.08
N ILE B 379 23.93 0.93 -26.00
CA ILE B 379 24.26 1.02 -27.42
C ILE B 379 24.47 2.47 -27.81
N LYS B 380 25.14 2.67 -28.94
CA LYS B 380 25.45 4.01 -29.45
C LYS B 380 24.27 4.49 -30.28
N THR B 381 23.43 5.35 -29.70
CA THR B 381 22.32 5.92 -30.42
C THR B 381 22.80 7.07 -31.31
N PRO B 382 22.09 7.35 -32.41
CA PRO B 382 22.49 8.47 -33.27
C PRO B 382 22.50 9.83 -32.57
N GLY B 383 21.91 9.95 -31.40
CA GLY B 383 21.91 11.19 -30.65
C GLY B 383 23.20 11.51 -29.93
N GLY B 384 24.23 10.68 -30.08
CA GLY B 384 25.51 10.95 -29.43
C GLY B 384 25.55 10.66 -27.95
N LYS B 385 24.62 9.85 -27.43
CA LYS B 385 24.56 9.52 -26.02
C LYS B 385 24.37 8.02 -25.85
N THR B 386 24.51 7.55 -24.61
CA THR B 386 24.34 6.15 -24.29
C THR B 386 23.55 6.04 -23.00
N TYR B 387 22.42 5.34 -23.06
CA TYR B 387 21.58 5.09 -21.90
C TYR B 387 21.34 3.60 -21.73
N ASP B 388 20.90 3.21 -20.54
CA ASP B 388 20.72 1.82 -20.19
C ASP B 388 19.36 1.31 -20.64
N VAL B 389 19.31 0.01 -20.96
CA VAL B 389 18.09 -0.65 -21.39
C VAL B 389 17.66 -1.62 -20.30
N ILE B 390 16.35 -1.66 -20.04
CA ILE B 390 15.78 -2.46 -18.96
C ILE B 390 14.77 -3.43 -19.54
N PHE B 391 14.86 -4.69 -19.11
CA PHE B 391 13.89 -5.73 -19.48
C PHE B 391 13.41 -6.39 -18.20
N VAL B 392 12.14 -6.21 -17.87
CA VAL B 392 11.56 -6.70 -16.63
C VAL B 392 10.37 -7.58 -16.95
N GLY B 393 10.38 -8.81 -16.41
CA GLY B 393 9.30 -9.74 -16.59
C GLY B 393 8.31 -9.69 -15.44
N THR B 394 7.19 -10.39 -15.62
CA THR B 394 6.12 -10.39 -14.65
C THR B 394 5.61 -11.81 -14.41
N ASP B 395 4.86 -11.97 -13.32
CA ASP B 395 4.21 -13.25 -13.04
C ASP B 395 3.12 -13.55 -14.06
N HIS B 396 2.49 -12.52 -14.62
CA HIS B 396 1.52 -12.71 -15.69
C HIS B 396 2.16 -13.24 -16.97
N GLY B 397 3.48 -13.07 -17.13
CA GLY B 397 4.17 -13.44 -18.35
C GLY B 397 4.42 -12.29 -19.29
N LYS B 398 3.86 -11.11 -19.00
CA LYS B 398 4.03 -9.95 -19.86
C LYS B 398 5.42 -9.35 -19.66
N ILE B 399 6.17 -9.19 -20.74
CA ILE B 399 7.52 -8.66 -20.71
C ILE B 399 7.49 -7.20 -21.16
N ILE B 400 8.24 -6.35 -20.47
CA ILE B 400 8.28 -4.93 -20.76
C ILE B 400 9.73 -4.51 -20.96
N LYS B 401 10.01 -3.91 -22.12
CA LYS B 401 11.30 -3.28 -22.38
C LYS B 401 11.21 -1.79 -22.11
N SER B 402 12.26 -1.22 -21.51
CA SER B 402 12.21 0.16 -21.09
C SER B 402 13.62 0.76 -21.10
N VAL B 403 13.66 2.07 -21.35
CA VAL B 403 14.87 2.86 -21.21
C VAL B 403 14.50 4.17 -20.52
N ASN B 404 15.50 4.81 -19.93
CA ASN B 404 15.28 6.01 -19.12
C ASN B 404 16.26 7.09 -19.53
N ALA B 405 15.74 8.30 -19.74
CA ALA B 405 16.55 9.48 -20.02
C ALA B 405 16.42 10.47 -18.88
N GLU B 406 17.51 11.17 -18.57
CA GLU B 406 17.55 12.09 -17.44
C GLU B 406 16.95 13.43 -17.87
N SER B 407 15.91 13.87 -17.14
CA SER B 407 15.24 15.13 -17.41
C SER B 407 15.46 16.09 -16.25
N ALA B 408 15.71 17.36 -16.59
CA ALA B 408 15.97 18.39 -15.59
C ALA B 408 14.69 19.13 -15.25
N ASP B 409 14.40 19.23 -13.96
CA ASP B 409 13.21 19.94 -13.49
C ASP B 409 13.44 20.33 -12.03
N SER B 410 12.58 21.23 -11.53
CA SER B 410 12.65 21.60 -10.13
C SER B 410 12.29 20.42 -9.24
N ALA B 411 11.30 19.64 -9.64
CA ALA B 411 10.92 18.41 -8.97
C ALA B 411 11.46 17.25 -9.79
N ASP B 412 12.36 16.47 -9.19
CA ASP B 412 12.98 15.34 -9.89
C ASP B 412 11.94 14.36 -10.40
N LYS B 413 11.73 14.33 -11.71
CA LYS B 413 10.80 13.44 -12.35
C LYS B 413 11.47 12.82 -13.57
N VAL B 414 11.54 11.49 -13.61
CA VAL B 414 12.14 10.76 -14.71
C VAL B 414 11.03 10.09 -15.51
N THR B 415 11.07 10.27 -16.83
CA THR B 415 10.08 9.66 -17.71
C THR B 415 10.43 8.19 -17.91
N SER B 416 9.50 7.30 -17.52
CA SER B 416 9.70 5.87 -17.68
C SER B 416 9.16 5.48 -19.06
N VAL B 417 10.06 5.31 -20.01
CA VAL B 417 9.68 5.00 -21.38
C VAL B 417 9.27 3.52 -21.45
N VAL B 418 7.98 3.27 -21.61
CA VAL B 418 7.47 1.92 -21.79
C VAL B 418 7.37 1.70 -23.31
N ILE B 419 8.38 1.03 -23.87
CA ILE B 419 8.49 0.85 -25.30
C ILE B 419 7.33 0.00 -25.79
N GLU B 420 7.32 -1.30 -25.45
CA GLU B 420 6.24 -2.18 -25.83
C GLU B 420 5.93 -3.15 -24.70
N GLU B 421 4.64 -3.35 -24.45
CA GLU B 421 4.15 -4.21 -23.39
C GLU B 421 3.48 -5.46 -23.94
N ILE B 422 3.98 -5.97 -25.06
CA ILE B 422 3.37 -7.11 -25.73
C ILE B 422 3.73 -8.38 -24.97
N ASP B 423 2.73 -9.23 -24.74
CA ASP B 423 2.94 -10.52 -24.09
C ASP B 423 3.39 -11.56 -25.10
N VAL B 424 4.36 -12.39 -24.69
CA VAL B 424 4.99 -13.34 -25.59
C VAL B 424 4.58 -14.77 -25.30
N LEU B 425 4.47 -15.15 -24.03
CA LEU B 425 4.21 -16.52 -23.63
C LEU B 425 2.77 -16.68 -23.15
N THR B 426 2.46 -17.86 -22.64
CA THR B 426 1.13 -18.15 -22.14
C THR B 426 0.83 -17.32 -20.89
N LYS B 427 -0.42 -16.87 -20.79
CA LYS B 427 -0.84 -16.04 -19.66
C LYS B 427 -0.64 -16.76 -18.33
N SER B 428 -0.75 -18.09 -18.31
CA SER B 428 -0.70 -18.84 -17.05
C SER B 428 0.71 -18.83 -16.45
N GLU B 429 1.73 -19.07 -17.27
CA GLU B 429 3.06 -19.31 -16.73
C GLU B 429 3.73 -18.01 -16.29
N PRO B 430 4.45 -18.03 -15.16
CA PRO B 430 5.18 -16.84 -14.72
C PRO B 430 6.65 -16.89 -15.08
N ILE B 431 7.20 -15.77 -15.55
CA ILE B 431 8.62 -15.71 -15.87
C ILE B 431 9.43 -15.77 -14.58
N ARG B 432 10.49 -16.58 -14.58
CA ARG B 432 11.31 -16.76 -13.40
C ARG B 432 12.80 -16.56 -13.65
N ASN B 433 13.21 -16.25 -14.87
CA ASN B 433 14.60 -15.90 -15.14
C ASN B 433 14.69 -15.25 -16.52
N LEU B 434 15.56 -14.24 -16.63
CA LEU B 434 15.75 -13.49 -17.87
C LEU B 434 17.24 -13.31 -18.12
N GLU B 435 17.59 -13.21 -19.41
CA GLU B 435 18.97 -13.02 -19.80
C GLU B 435 19.01 -12.44 -21.21
N ILE B 436 20.03 -11.63 -21.47
CA ILE B 436 20.26 -11.05 -22.79
C ILE B 436 21.51 -11.66 -23.39
N VAL B 437 21.51 -11.82 -24.71
CA VAL B 437 22.63 -12.40 -25.45
C VAL B 437 23.47 -11.27 -26.02
N ARG B 438 24.79 -11.40 -25.90
CA ARG B 438 25.71 -10.37 -26.37
C ARG B 438 26.48 -10.87 -27.59
N ASP B 452 23.93 -12.04 -32.39
CA ASP B 452 22.70 -11.39 -32.83
C ASP B 452 21.87 -10.95 -31.64
N GLY B 453 21.17 -9.82 -31.80
CA GLY B 453 20.34 -9.30 -30.72
C GLY B 453 19.12 -10.19 -30.51
N LYS B 454 19.00 -10.76 -29.30
CA LYS B 454 17.89 -11.64 -28.97
C LYS B 454 17.63 -11.55 -27.47
N LEU B 455 16.66 -12.35 -27.01
CA LEU B 455 16.27 -12.39 -25.61
C LEU B 455 15.99 -13.84 -25.24
N ILE B 456 16.30 -14.20 -23.99
CA ILE B 456 16.06 -15.53 -23.46
C ILE B 456 15.09 -15.38 -22.29
N ILE B 457 14.00 -16.13 -22.34
CA ILE B 457 12.93 -16.04 -21.34
C ILE B 457 12.79 -17.42 -20.72
N VAL B 458 13.58 -17.70 -19.68
CA VAL B 458 13.54 -18.98 -19.00
C VAL B 458 12.36 -18.99 -18.05
N THR B 459 11.38 -19.84 -18.31
CA THR B 459 10.20 -19.99 -17.49
C THR B 459 10.05 -21.45 -17.05
N ASP B 460 9.00 -21.72 -16.28
CA ASP B 460 8.77 -23.08 -15.81
C ASP B 460 8.33 -24.01 -16.94
N SER B 461 7.44 -23.54 -17.81
CA SER B 461 6.93 -24.39 -18.88
C SER B 461 7.93 -24.53 -20.02
N GLN B 462 8.52 -23.41 -20.45
CA GLN B 462 9.41 -23.44 -21.60
C GLN B 462 10.27 -22.17 -21.59
N VAL B 463 11.29 -22.18 -22.44
CA VAL B 463 12.13 -21.01 -22.67
C VAL B 463 11.99 -20.61 -24.14
N VAL B 464 11.75 -19.33 -24.38
CA VAL B 464 11.49 -18.81 -25.72
C VAL B 464 12.52 -17.74 -26.03
N ALA B 465 13.15 -17.84 -27.20
CA ALA B 465 14.17 -16.90 -27.64
C ALA B 465 13.57 -15.99 -28.70
N ILE B 466 13.43 -14.71 -28.37
CA ILE B 466 12.90 -13.72 -29.28
C ILE B 466 13.88 -12.55 -29.38
N GLN B 467 13.72 -11.76 -30.44
CA GLN B 467 14.64 -10.65 -30.69
C GLN B 467 14.55 -9.61 -29.58
N LEU B 468 15.69 -8.95 -29.34
CA LEU B 468 15.77 -8.00 -28.23
C LEU B 468 14.97 -6.74 -28.52
N HIS B 469 15.15 -6.15 -29.70
CA HIS B 469 14.45 -4.93 -30.09
C HIS B 469 13.63 -5.19 -31.35
N ARG B 470 12.46 -4.58 -31.42
CA ARG B 470 11.50 -4.85 -32.49
C ARG B 470 11.47 -3.74 -33.53
N CYS B 471 12.62 -3.11 -33.82
CA CYS B 471 12.68 -2.16 -34.92
C CYS B 471 12.45 -2.85 -36.26
N HIS B 472 13.06 -4.01 -36.45
CA HIS B 472 12.71 -4.89 -37.56
C HIS B 472 11.61 -5.86 -37.13
N ASN B 473 11.06 -6.56 -38.12
CA ASN B 473 9.97 -7.53 -37.94
C ASN B 473 8.69 -6.90 -37.42
N ASP B 474 8.60 -5.56 -37.44
CA ASP B 474 7.41 -4.84 -37.05
C ASP B 474 7.00 -3.96 -38.22
N LYS B 475 5.80 -4.18 -38.75
CA LYS B 475 5.35 -3.50 -39.97
C LYS B 475 3.86 -3.20 -39.85
N ILE B 476 3.54 -1.95 -39.50
CA ILE B 476 2.17 -1.47 -39.52
C ILE B 476 1.87 -0.67 -40.79
N THR B 477 2.80 -0.68 -41.75
CA THR B 477 2.74 0.05 -43.02
C THR B 477 2.65 1.57 -42.81
N SER B 478 3.00 2.06 -41.62
CA SER B 478 3.00 3.49 -41.34
C SER B 478 4.35 3.93 -40.80
N CYS B 479 4.82 5.08 -41.29
CA CYS B 479 6.08 5.64 -40.78
C CYS B 479 5.96 6.05 -39.33
N SER B 480 4.78 6.48 -38.90
CA SER B 480 4.60 7.05 -37.57
C SER B 480 4.84 6.02 -36.46
N GLU B 481 4.68 4.74 -36.75
CA GLU B 481 4.93 3.72 -35.73
C GLU B 481 6.37 3.77 -35.25
N CYS B 482 7.31 3.73 -36.19
CA CYS B 482 8.73 3.68 -35.85
C CYS B 482 9.17 4.94 -35.10
N VAL B 483 8.74 6.11 -35.56
CA VAL B 483 9.21 7.35 -34.97
C VAL B 483 8.70 7.49 -33.54
N ALA B 484 7.49 7.01 -33.26
CA ALA B 484 6.85 7.17 -31.95
C ALA B 484 7.41 6.25 -30.87
N LEU B 485 8.01 5.11 -31.25
CA LEU B 485 8.41 4.11 -30.28
C LEU B 485 9.49 4.63 -29.32
N GLN B 486 10.40 5.47 -29.81
CA GLN B 486 11.53 6.00 -29.04
C GLN B 486 12.52 4.91 -28.64
N ASP B 487 12.64 3.87 -29.45
CA ASP B 487 13.59 2.81 -29.14
C ASP B 487 14.98 3.23 -29.62
N PRO B 488 16.02 3.05 -28.81
CA PRO B 488 17.37 3.49 -29.23
C PRO B 488 17.87 2.78 -30.48
N TYR B 489 17.53 1.50 -30.66
CA TYR B 489 17.99 0.75 -31.82
C TYR B 489 17.27 1.17 -33.09
N CYS B 490 16.08 1.77 -32.97
CA CYS B 490 15.28 2.13 -34.13
C CYS B 490 15.85 3.35 -34.84
N ALA B 491 15.75 3.35 -36.17
CA ALA B 491 16.16 4.47 -37.01
C ALA B 491 15.54 4.28 -38.37
N TRP B 492 15.17 5.39 -39.00
CA TRP B 492 14.45 5.35 -40.27
C TRP B 492 15.32 5.89 -41.40
N ASP B 493 15.08 5.37 -42.60
CA ASP B 493 15.80 5.76 -43.80
C ASP B 493 14.84 6.38 -44.81
N LYS B 494 15.37 7.27 -45.64
CA LYS B 494 14.55 7.99 -46.62
C LYS B 494 14.42 7.23 -47.93
N ILE B 495 15.55 6.93 -48.58
CA ILE B 495 15.50 6.26 -49.88
C ILE B 495 15.06 4.81 -49.73
N ALA B 496 15.34 4.18 -48.59
CA ALA B 496 14.96 2.80 -48.33
C ALA B 496 13.90 2.75 -47.25
N GLY B 497 12.93 1.86 -47.42
CA GLY B 497 11.86 1.69 -46.47
C GLY B 497 12.19 0.85 -45.25
N LYS B 498 13.45 0.49 -45.06
CA LYS B 498 13.85 -0.35 -43.94
C LYS B 498 14.08 0.48 -42.69
N CYS B 499 13.56 -0.02 -41.56
CA CYS B 499 13.79 0.60 -40.26
C CYS B 499 15.14 0.12 -39.73
N ARG B 500 16.11 1.03 -39.67
CA ARG B 500 17.47 0.65 -39.32
C ARG B 500 17.54 0.09 -37.91
N SER B 501 18.53 -0.76 -37.68
CA SER B 501 18.84 -1.31 -36.36
C SER B 501 20.31 -1.05 -36.06
N HIS B 502 20.71 -1.37 -34.84
CA HIS B 502 22.08 -1.19 -34.38
C HIS B 502 22.65 -2.52 -33.93
N GLY B 503 23.85 -2.85 -34.38
CA GLY B 503 24.51 -4.09 -34.07
C GLY B 503 24.34 -5.18 -35.12
N ALA B 504 23.34 -5.05 -35.98
CA ALA B 504 23.13 -6.03 -37.04
C ALA B 504 23.53 -5.47 -38.40
N PRO B 505 23.11 -4.24 -38.79
CA PRO B 505 23.60 -3.69 -40.06
C PRO B 505 24.74 -2.70 -39.89
N ARG B 506 25.59 -2.60 -40.90
CA ARG B 506 26.74 -1.69 -40.89
C ARG B 506 26.55 -0.66 -41.98
N TRP B 507 26.67 0.62 -41.62
CA TRP B 507 26.50 1.70 -42.58
C TRP B 507 27.75 1.88 -43.43
N LEU B 508 27.54 2.05 -44.74
CA LEU B 508 28.65 2.26 -45.64
C LEU B 508 29.34 3.60 -45.39
N GLU B 509 28.59 4.59 -44.95
CA GLU B 509 29.14 5.90 -44.60
C GLU B 509 28.19 6.59 -43.64
N GLU B 510 28.63 7.73 -43.12
CA GLU B 510 27.84 8.47 -42.15
C GLU B 510 26.58 9.03 -42.80
N ASN B 511 25.44 8.87 -42.12
CA ASN B 511 24.17 9.32 -42.67
C ASN B 511 23.40 10.15 -41.66
N TYR B 512 22.17 10.51 -41.99
CA TYR B 512 21.29 11.28 -41.13
C TYR B 512 20.20 10.38 -40.59
N PHE B 513 20.00 10.40 -39.27
CA PHE B 513 18.98 9.61 -38.61
C PHE B 513 18.29 10.48 -37.57
N TYR B 514 16.96 10.56 -37.65
CA TYR B 514 16.19 11.37 -36.72
C TYR B 514 15.60 10.48 -35.65
N GLN B 515 15.78 10.87 -34.39
CA GLN B 515 15.30 10.11 -33.26
C GLN B 515 14.85 11.08 -32.18
N ASN B 516 13.86 10.67 -31.39
CA ASN B 516 13.27 11.52 -30.35
C ASN B 516 13.22 10.74 -29.03
N VAL B 517 14.38 10.56 -28.40
CA VAL B 517 14.44 9.98 -27.06
C VAL B 517 14.26 11.13 -26.07
N ALA B 518 13.02 11.62 -25.96
CA ALA B 518 12.68 12.77 -25.13
C ALA B 518 13.54 13.98 -25.49
N THR B 519 13.78 14.16 -26.79
CA THR B 519 14.57 15.28 -27.28
C THR B 519 13.73 16.49 -27.67
N GLY B 520 12.41 16.34 -27.74
CA GLY B 520 11.54 17.45 -28.07
C GLY B 520 11.31 17.66 -29.56
N GLN B 521 10.88 16.61 -30.26
CA GLN B 521 10.55 16.68 -31.67
C GLN B 521 9.05 16.54 -31.84
N HIS B 522 8.43 17.51 -32.52
CA HIS B 522 6.98 17.52 -32.64
C HIS B 522 6.48 16.44 -33.61
N ALA B 523 6.98 16.44 -34.84
CA ALA B 523 6.54 15.49 -35.84
C ALA B 523 7.63 15.33 -36.89
N ALA B 524 7.53 14.25 -37.66
CA ALA B 524 8.52 13.95 -38.69
C ALA B 524 7.87 13.26 -39.88
N CYS B 525 7.16 12.15 -39.62
CA CYS B 525 6.55 11.42 -40.73
C CYS B 525 5.39 12.18 -41.36
N PRO B 526 4.41 12.72 -40.60
CA PRO B 526 3.33 13.45 -41.27
C PRO B 526 3.82 14.75 -41.91
#